data_7XJK
#
_entry.id   7XJK
#
_cell.length_a   1.00
_cell.length_b   1.00
_cell.length_c   1.00
_cell.angle_alpha   90.00
_cell.angle_beta   90.00
_cell.angle_gamma   90.00
#
_symmetry.space_group_name_H-M   'P 1'
#
loop_
_entity.id
_entity.type
_entity.pdbx_description
1 polymer Galanin
2 polymer 'Guanine nucleotide-binding protein G(q)'
3 polymer 'Guanine nucleotide-binding protein G(I)/G(S)/G(T) subunit beta-1'
4 polymer 'Guanine nucleotide-binding protein G(I)/G(S)/G(O) subunit gamma-2'
5 polymer 'single Fab chain (svFv16)'
6 polymer 'Galanin receptor type 2'
#
loop_
_entity_poly.entity_id
_entity_poly.type
_entity_poly.pdbx_seq_one_letter_code
_entity_poly.pdbx_strand_id
1 'polypeptide(L)' GWTLNSAGYLLGPHAVGNHRSFSDKNGLTS A
2 'polypeptide(L)'
;MGSTVSAEDKAAAERSKMIDKNLREDGEKARRTLRLLLLGADNSGKSTIVKQMRILHGGSGGSGGTSGIFETKFQVDKVN
FHMFDVGGQRDERRKWIQCFNDVTAIIFVVDSSDYNRLQEALNDFKSIWNNRWLRTISVILFLNKQDLLAEKVLAGKSKI
EDYFPEFARYTTPEAATPEPGDDPRVTRAKYFIRKEFVDISTASGDGRHICYPHFTCAVDTENARRIFNDCKDIILQMNL
REYNLV
;
B
3 'polypeptide(L)'
;HHHHHHGSMSELDQLRQEAEQLKNQIRDARKACADATLSQITNNIDPVGRIQMRTRRTLRGHLAKIYAMHWGTDSRLLVS
ASQDGKLIIWDSYTTNKVHAIPLRSSWVMTCAYAPSGNYVACGGLDNICSIYNLKTREGNVRVSRELAGHTGYLSCCRFL
DDNQIVTSSGDTTCALWDIETGQQTTTFTGHTGDVMSLSLAPDTRLFVSGACDASAKLWDVREGMCRQTFTGHESDINAI
CFFPNGNAFATGSDDATCRLFDLRADQELMTYSHDNIICGITSVSFSKSGRLLLAGYDDFNCNVWDALKADRAGVLAGHD
NRVSCLGVTDDGMAVATGSWDSFLKIWN
;
C
4 'polypeptide(L)' MASNNTASIAQARKLVEQLKMEANIDRIKVSKAAADLMAYCEAHAKEDPLLTPVPASENPFREKKFFSAIL D
5 'polypeptide(L)'
;GRPDVQLVESGGGLVQPGGSRKLSCSASGFAFSSFGMHWVRQAPEKGLEWVAYISSGSGTIYYADTVKGRFTISRDDPKN
TLFLQMTSLRSEDTAMYYCVRSIYYYGSSPFDFWGQGTTLTVSSGGGGSGGGGSGGGGSDIVMTQATSSVPVTPGESVSI
SCRSSKSLLHSNGNTYLYWFLQRPGQSPQLLIYRMSNLASGVPDRFSGSGSGTAFTLTISRLEAEDVGVYYCMQHLEYPL
TFGAGTKLELKAAAGAPLEVLFQGPGAWSHPQFEKGAEDQVDPRLIDGKGAAHHHHHHHH
;
E
6 'polypeptide(L)'
;DYKDDDDKGSMNVSGCPGAGNASQAGGGGGWHPEAVIVPLLFALIFLVGTVGNTLVLAVLLRGGQAVSTTNLFILNLGVA
DLCFILCCVPFQATIYTLDGWVFGSLLCKAVHFLIFLTMHASSFTLAAVSLDRYLAIRYPLHSRELRTPRNALAAIGLIW
GLSLLFSGPYLSYYQQSQLANLTVCHPAWSAPRRRAMDICTFVFSYLLPVLVLGLTYARTLRYLWRAVDPVAAGSGARRA
KRKVTRMILIVAALFCLCWMPHHALILCVWFGQFPLTRATYALRILSHLVSYANSCVNPIVYALVSKHFRKGFRTICAGL
LGRAGSLEVLFQ
;
F
#
# COMPACT_ATOMS: atom_id res chain seq x y z
N GLY A 1 -28.74 46.28 25.29
CA GLY A 1 -29.79 45.33 25.62
C GLY A 1 -29.31 44.25 26.57
N TRP A 2 -28.69 44.67 27.66
CA TRP A 2 -28.09 43.74 28.62
C TRP A 2 -29.19 43.01 29.39
N THR A 3 -29.54 41.83 28.90
CA THR A 3 -30.56 41.02 29.53
C THR A 3 -30.08 40.55 30.91
N LEU A 4 -31.02 40.29 31.81
CA LEU A 4 -30.68 39.78 33.13
C LEU A 4 -29.84 38.51 33.01
N ASN A 5 -30.21 37.61 32.10
CA ASN A 5 -29.46 36.38 31.91
C ASN A 5 -28.02 36.65 31.55
N SER A 6 -27.79 37.46 30.51
CA SER A 6 -26.42 37.70 30.05
C SER A 6 -25.63 38.52 31.06
N ALA A 7 -26.26 39.55 31.64
CA ALA A 7 -25.58 40.37 32.63
C ALA A 7 -25.13 39.53 33.81
N GLY A 8 -25.96 38.57 34.23
CA GLY A 8 -25.49 37.62 35.22
C GLY A 8 -24.39 36.72 34.68
N TYR A 9 -24.50 36.31 33.43
CA TYR A 9 -23.60 35.29 32.89
C TYR A 9 -22.18 35.79 32.84
N LEU A 10 -21.99 37.07 32.56
CA LEU A 10 -20.64 37.63 32.60
C LEU A 10 -20.24 38.00 34.02
N LEU A 11 -21.16 38.63 34.77
CA LEU A 11 -20.80 39.15 36.08
C LEU A 11 -20.84 38.07 37.15
N GLY A 12 -22.00 37.49 37.39
CA GLY A 12 -22.16 36.52 38.45
C GLY A 12 -23.38 36.80 39.29
N PRO A 13 -23.90 35.77 39.97
CA PRO A 13 -25.13 35.95 40.74
C PRO A 13 -25.01 36.90 41.91
N HIS A 14 -23.78 37.20 42.36
CA HIS A 14 -23.61 38.08 43.50
C HIS A 14 -24.07 39.50 43.18
N ALA A 15 -23.60 40.05 42.07
CA ALA A 15 -23.96 41.41 41.64
C ALA A 15 -24.28 41.37 40.15
N VAL A 16 -25.55 41.14 39.84
CA VAL A 16 -25.99 41.07 38.45
C VAL A 16 -26.28 42.47 37.93
N VAL B 5 -16.62 -15.95 13.38
CA VAL B 5 -15.45 -16.59 12.81
C VAL B 5 -15.06 -17.81 13.65
N SER B 6 -14.72 -18.91 12.97
CA SER B 6 -14.39 -20.14 13.64
C SER B 6 -12.97 -20.08 14.18
N ALA B 7 -12.54 -21.16 14.86
CA ALA B 7 -11.22 -21.17 15.48
C ALA B 7 -10.12 -20.98 14.46
N GLU B 8 -10.21 -21.70 13.33
CA GLU B 8 -9.22 -21.54 12.27
C GLU B 8 -9.18 -20.11 11.76
N ASP B 9 -10.34 -19.45 11.68
CA ASP B 9 -10.38 -18.10 11.15
C ASP B 9 -9.79 -17.09 12.13
N LYS B 10 -10.06 -17.23 13.43
CA LYS B 10 -9.42 -16.36 14.41
C LYS B 10 -7.91 -16.58 14.42
N ALA B 11 -7.48 -17.83 14.27
CA ALA B 11 -6.05 -18.10 14.20
C ALA B 11 -5.41 -17.49 12.96
N ALA B 12 -6.12 -17.57 11.83
CA ALA B 12 -5.61 -16.93 10.62
C ALA B 12 -5.53 -15.43 10.78
N ALA B 13 -6.50 -14.84 11.49
CA ALA B 13 -6.44 -13.42 11.78
C ALA B 13 -5.24 -13.08 12.67
N GLU B 14 -4.94 -13.94 13.63
CA GLU B 14 -3.75 -13.74 14.46
C GLU B 14 -2.48 -13.81 13.63
N ARG B 15 -2.40 -14.79 12.72
CA ARG B 15 -1.25 -14.90 11.84
C ARG B 15 -1.12 -13.68 10.93
N SER B 16 -2.25 -13.17 10.44
CA SER B 16 -2.23 -11.95 9.65
C SER B 16 -1.74 -10.77 10.47
N LYS B 17 -2.14 -10.70 11.74
CA LYS B 17 -1.66 -9.62 12.59
C LYS B 17 -0.15 -9.72 12.80
N MET B 18 0.37 -10.93 13.00
CA MET B 18 1.81 -11.10 13.11
C MET B 18 2.51 -10.68 11.82
N ILE B 19 1.96 -11.08 10.67
CA ILE B 19 2.54 -10.69 9.39
C ILE B 19 2.55 -9.18 9.25
N ASP B 20 1.46 -8.53 9.61
CA ASP B 20 1.38 -7.08 9.47
C ASP B 20 2.34 -6.38 10.42
N LYS B 21 2.52 -6.92 11.63
CA LYS B 21 3.50 -6.35 12.55
C LYS B 21 4.90 -6.43 11.97
N ASN B 22 5.25 -7.60 11.42
CA ASN B 22 6.57 -7.75 10.80
C ASN B 22 6.73 -6.78 9.65
N LEU B 23 5.69 -6.64 8.82
CA LEU B 23 5.76 -5.72 7.68
C LEU B 23 5.96 -4.29 8.14
N ARG B 24 5.23 -3.87 9.17
CA ARG B 24 5.34 -2.49 9.62
C ARG B 24 6.70 -2.21 10.24
N GLU B 25 7.26 -3.19 10.98
CA GLU B 25 8.61 -3.00 11.51
C GLU B 25 9.63 -2.92 10.40
N ASP B 26 9.52 -3.78 9.39
CA ASP B 26 10.45 -3.72 8.26
C ASP B 26 10.32 -2.41 7.51
N GLY B 27 9.09 -1.91 7.35
CA GLY B 27 8.90 -0.64 6.69
C GLY B 27 9.46 0.53 7.48
N GLU B 28 9.31 0.49 8.81
CA GLU B 28 9.91 1.52 9.65
C GLU B 28 11.43 1.50 9.53
N LYS B 29 12.02 0.31 9.47
CA LYS B 29 13.47 0.23 9.29
C LYS B 29 13.89 0.72 7.90
N ALA B 30 13.09 0.43 6.88
CA ALA B 30 13.45 0.76 5.51
C ALA B 30 13.26 2.24 5.19
N ARG B 31 12.27 2.89 5.79
CA ARG B 31 12.01 4.30 5.50
C ARG B 31 13.08 5.22 6.05
N ARG B 32 14.00 4.70 6.87
CA ARG B 32 15.05 5.49 7.47
C ARG B 32 16.16 5.88 6.51
N THR B 33 16.21 5.28 5.32
CA THR B 33 17.30 5.51 4.40
C THR B 33 16.85 6.39 3.23
N LEU B 34 17.77 7.19 2.73
CA LEU B 34 17.50 8.08 1.60
C LEU B 34 18.02 7.43 0.33
N ARG B 35 17.10 7.04 -0.56
CA ARG B 35 17.46 6.43 -1.81
C ARG B 35 17.75 7.50 -2.84
N LEU B 36 18.72 7.22 -3.71
CA LEU B 36 19.11 8.14 -4.77
C LEU B 36 19.06 7.40 -6.10
N LEU B 37 19.58 8.05 -7.14
CA LEU B 37 19.68 7.44 -8.45
C LEU B 37 20.83 8.10 -9.19
N LEU B 38 21.72 7.28 -9.75
CA LEU B 38 22.91 7.76 -10.44
C LEU B 38 22.70 7.60 -11.94
N LEU B 39 22.76 8.71 -12.66
CA LEU B 39 22.58 8.72 -14.11
C LEU B 39 23.76 9.42 -14.77
N GLY B 40 24.10 8.94 -15.96
CA GLY B 40 25.23 9.50 -16.68
C GLY B 40 25.43 8.76 -17.98
N ALA B 41 26.54 9.07 -18.63
CA ALA B 41 26.86 8.49 -19.92
C ALA B 41 28.29 7.95 -19.87
N ASP B 42 28.77 7.46 -21.01
CA ASP B 42 30.14 6.99 -21.11
C ASP B 42 31.09 8.18 -20.98
N ASN B 43 32.32 7.89 -20.54
CA ASN B 43 33.34 8.90 -20.28
C ASN B 43 32.86 9.92 -19.25
N SER B 44 31.97 9.51 -18.37
CA SER B 44 31.55 10.30 -17.22
C SER B 44 31.97 9.56 -15.97
N GLY B 45 32.63 10.27 -15.06
CA GLY B 45 33.25 9.62 -13.92
C GLY B 45 32.30 9.23 -12.82
N LYS B 46 31.14 8.67 -13.19
CA LYS B 46 30.23 8.17 -12.16
C LYS B 46 30.85 7.04 -11.36
N SER B 47 31.57 6.14 -12.04
CA SER B 47 32.27 5.08 -11.34
C SER B 47 33.34 5.63 -10.39
N THR B 48 34.10 6.62 -10.86
CA THR B 48 35.14 7.20 -10.01
C THR B 48 34.54 7.90 -8.80
N ILE B 49 33.48 8.68 -9.01
CA ILE B 49 32.90 9.42 -7.90
C ILE B 49 32.24 8.48 -6.91
N VAL B 50 31.61 7.40 -7.39
CA VAL B 50 31.01 6.46 -6.46
C VAL B 50 32.08 5.67 -5.71
N LYS B 51 33.20 5.38 -6.36
CA LYS B 51 34.29 4.67 -5.68
C LYS B 51 34.96 5.55 -4.64
N GLN B 52 35.04 6.86 -4.89
CA GLN B 52 35.67 7.74 -3.92
C GLN B 52 34.92 7.76 -2.59
N MET B 53 33.58 7.75 -2.65
CA MET B 53 32.76 7.81 -1.45
C MET B 53 32.41 6.44 -0.90
N ARG B 54 32.81 5.36 -1.57
CA ARG B 54 32.50 4.02 -1.11
C ARG B 54 33.27 3.69 0.16
N GLY B 68 23.01 -6.74 -13.23
CA GLY B 68 21.95 -5.87 -13.73
C GLY B 68 22.01 -4.46 -13.17
N ILE B 69 21.67 -4.32 -11.90
CA ILE B 69 21.70 -3.04 -11.20
C ILE B 69 22.79 -3.09 -10.14
N PHE B 70 23.59 -2.04 -10.07
CA PHE B 70 24.60 -1.90 -9.03
C PHE B 70 24.11 -0.93 -7.97
N GLU B 71 24.60 -1.13 -6.75
CA GLU B 71 24.18 -0.32 -5.62
C GLU B 71 25.39 -0.02 -4.74
N THR B 72 25.46 1.21 -4.25
CA THR B 72 26.43 1.55 -3.22
C THR B 72 25.68 2.08 -1.99
N LYS B 73 26.29 1.87 -0.83
CA LYS B 73 25.71 2.28 0.44
C LYS B 73 26.74 3.12 1.17
N PHE B 74 26.33 4.28 1.66
CA PHE B 74 27.18 5.07 2.51
C PHE B 74 26.32 5.76 3.56
N GLN B 75 26.97 6.50 4.45
CA GLN B 75 26.24 7.25 5.46
C GLN B 75 27.08 8.44 5.91
N VAL B 76 26.40 9.54 6.18
CA VAL B 76 27.06 10.74 6.72
C VAL B 76 26.16 11.33 7.80
N ASP B 77 26.79 11.79 8.89
CA ASP B 77 26.07 12.31 10.05
C ASP B 77 25.01 11.31 10.55
N LYS B 78 25.39 10.04 10.55
CA LYS B 78 24.52 8.94 10.99
C LYS B 78 23.25 8.86 10.15
N VAL B 79 23.31 9.34 8.91
CA VAL B 79 22.19 9.28 7.98
C VAL B 79 22.59 8.37 6.84
N ASN B 80 21.78 7.34 6.58
CA ASN B 80 22.09 6.31 5.61
C ASN B 80 21.57 6.69 4.23
N PHE B 81 22.36 6.40 3.20
CA PHE B 81 21.98 6.63 1.81
C PHE B 81 22.16 5.33 1.02
N HIS B 82 21.30 5.15 0.03
CA HIS B 82 21.54 4.20 -1.06
C HIS B 82 21.69 4.97 -2.35
N MET B 83 22.66 4.56 -3.18
CA MET B 83 22.81 5.12 -4.51
C MET B 83 22.77 3.97 -5.51
N PHE B 84 21.72 3.93 -6.32
CA PHE B 84 21.55 2.90 -7.32
C PHE B 84 21.98 3.42 -8.68
N ASP B 85 22.64 2.56 -9.46
CA ASP B 85 22.91 2.85 -10.86
C ASP B 85 22.66 1.60 -11.69
N VAL B 86 21.88 1.75 -12.75
CA VAL B 86 21.43 0.63 -13.56
C VAL B 86 22.34 0.49 -14.78
N GLY B 87 22.90 -0.69 -14.95
CA GLY B 87 23.75 -0.97 -16.10
C GLY B 87 23.03 -1.76 -17.17
N ASP B 91 20.35 1.90 -23.26
CA ASP B 91 19.75 3.24 -23.28
C ASP B 91 18.22 3.15 -23.26
N GLU B 92 17.57 4.22 -23.70
CA GLU B 92 16.11 4.32 -23.71
C GLU B 92 15.54 4.06 -22.31
N ARG B 93 15.95 4.91 -21.38
CA ARG B 93 15.57 4.78 -19.98
C ARG B 93 14.19 5.35 -19.69
N ARG B 94 13.38 5.61 -20.72
CA ARG B 94 12.08 6.19 -20.49
C ARG B 94 11.10 5.23 -19.83
N LYS B 95 11.46 3.95 -19.69
CA LYS B 95 10.55 2.95 -19.15
C LYS B 95 10.91 2.53 -17.73
N TRP B 96 12.13 2.06 -17.50
CA TRP B 96 12.49 1.62 -16.16
C TRP B 96 12.65 2.77 -15.19
N ILE B 97 12.74 4.02 -15.67
CA ILE B 97 12.85 5.16 -14.78
C ILE B 97 11.56 5.43 -14.02
N GLN B 98 10.48 4.71 -14.34
CA GLN B 98 9.25 4.83 -13.57
C GLN B 98 9.44 4.31 -12.16
N CYS B 99 10.25 3.27 -11.97
CA CYS B 99 10.47 2.73 -10.63
C CYS B 99 11.08 3.77 -9.71
N PHE B 100 12.06 4.52 -10.20
CA PHE B 100 12.75 5.52 -9.39
C PHE B 100 12.01 6.85 -9.49
N ASN B 101 10.83 6.90 -8.87
CA ASN B 101 10.12 8.16 -8.71
C ASN B 101 9.74 8.44 -7.27
N ASP B 102 9.98 7.50 -6.36
CA ASP B 102 9.91 7.76 -4.94
C ASP B 102 11.27 8.10 -4.35
N VAL B 103 12.31 8.12 -5.17
CA VAL B 103 13.63 8.49 -4.68
C VAL B 103 13.63 9.94 -4.23
N THR B 104 14.50 10.24 -3.28
CA THR B 104 14.56 11.61 -2.76
C THR B 104 15.25 12.54 -3.75
N ALA B 105 16.09 12.00 -4.62
CA ALA B 105 16.83 12.83 -5.57
C ALA B 105 17.31 11.96 -6.72
N ILE B 106 17.72 12.61 -7.78
CA ILE B 106 18.40 11.98 -8.90
C ILE B 106 19.75 12.66 -9.07
N ILE B 107 20.80 11.86 -9.14
CA ILE B 107 22.16 12.37 -9.29
C ILE B 107 22.53 12.27 -10.76
N PHE B 108 22.88 13.40 -11.36
CA PHE B 108 23.18 13.49 -12.78
C PHE B 108 24.60 14.00 -12.94
N VAL B 109 25.50 13.12 -13.38
CA VAL B 109 26.91 13.42 -13.55
C VAL B 109 27.21 13.46 -15.05
N VAL B 110 27.93 14.50 -15.47
CA VAL B 110 28.23 14.72 -16.88
C VAL B 110 29.69 15.06 -17.04
N ASP B 111 30.22 14.83 -18.23
CA ASP B 111 31.60 15.20 -18.57
C ASP B 111 31.56 16.61 -19.14
N SER B 112 31.67 17.60 -18.25
CA SER B 112 31.68 18.99 -18.69
C SER B 112 32.91 19.36 -19.50
N SER B 113 34.01 18.61 -19.35
CA SER B 113 35.19 18.86 -20.17
C SER B 113 34.95 18.53 -21.64
N ASP B 114 34.22 17.45 -21.92
CA ASP B 114 33.94 17.08 -23.29
C ASP B 114 32.96 18.07 -23.93
N TYR B 115 33.33 18.59 -25.09
CA TYR B 115 32.47 19.49 -25.84
C TYR B 115 31.71 18.79 -26.95
N ASN B 116 32.23 17.70 -27.49
CA ASN B 116 31.57 17.00 -28.59
C ASN B 116 30.22 16.45 -28.15
N ARG B 117 30.16 15.81 -26.98
CA ARG B 117 28.96 15.17 -26.49
C ARG B 117 28.28 15.96 -25.39
N LEU B 118 28.61 17.23 -25.21
CA LEU B 118 27.95 18.02 -24.18
C LEU B 118 26.53 18.40 -24.60
N GLN B 119 26.29 18.54 -25.90
CA GLN B 119 24.95 18.87 -26.38
C GLN B 119 24.00 17.70 -26.15
N GLU B 120 24.46 16.47 -26.38
CA GLU B 120 23.60 15.33 -26.08
C GLU B 120 23.43 15.16 -24.57
N ALA B 121 24.38 15.65 -23.77
CA ALA B 121 24.16 15.71 -22.33
C ALA B 121 23.03 16.68 -21.99
N LEU B 122 23.00 17.83 -22.67
CA LEU B 122 21.89 18.76 -22.47
C LEU B 122 20.56 18.13 -22.89
N ASN B 123 20.57 17.40 -24.00
CA ASN B 123 19.36 16.70 -24.43
C ASN B 123 18.93 15.67 -23.40
N ASP B 124 19.88 14.94 -22.81
CA ASP B 124 19.54 13.98 -21.77
C ASP B 124 18.94 14.68 -20.55
N PHE B 125 19.52 15.80 -20.14
CA PHE B 125 18.96 16.53 -19.01
C PHE B 125 17.55 17.03 -19.33
N LYS B 126 17.31 17.42 -20.58
CA LYS B 126 15.96 17.72 -21.01
C LYS B 126 15.04 16.52 -20.88
N SER B 127 15.54 15.33 -21.22
CA SER B 127 14.70 14.13 -21.18
C SER B 127 14.30 13.78 -19.75
N ILE B 128 15.25 13.75 -18.83
CA ILE B 128 14.93 13.46 -17.43
C ILE B 128 14.17 14.60 -16.76
N TRP B 129 14.55 15.86 -17.00
CA TRP B 129 13.89 16.95 -16.30
C TRP B 129 12.42 17.08 -16.68
N ASN B 130 12.11 16.92 -17.97
CA ASN B 130 10.75 17.04 -18.46
C ASN B 130 9.98 15.72 -18.42
N ASN B 131 10.47 14.74 -17.67
CA ASN B 131 9.78 13.46 -17.61
C ASN B 131 8.46 13.60 -16.88
N ARG B 132 7.49 12.78 -17.30
CA ARG B 132 6.14 12.88 -16.75
C ARG B 132 6.09 12.37 -15.30
N TRP B 133 6.81 11.30 -15.00
CA TRP B 133 6.75 10.67 -13.68
C TRP B 133 7.79 11.19 -12.71
N LEU B 134 8.79 11.94 -13.19
CA LEU B 134 9.72 12.66 -12.34
C LEU B 134 9.33 14.11 -12.17
N ARG B 135 8.02 14.39 -12.17
CA ARG B 135 7.53 15.76 -12.09
C ARG B 135 7.75 16.38 -10.72
N THR B 136 8.18 15.60 -9.73
CA THR B 136 8.45 16.14 -8.41
C THR B 136 9.77 15.64 -7.84
N ILE B 137 10.63 15.02 -8.64
CA ILE B 137 11.89 14.45 -8.18
C ILE B 137 13.01 15.42 -8.52
N SER B 138 13.62 16.00 -7.49
CA SER B 138 14.70 16.95 -7.69
C SER B 138 15.92 16.24 -8.26
N VAL B 139 16.82 17.02 -8.85
CA VAL B 139 18.00 16.47 -9.50
C VAL B 139 19.24 17.17 -8.96
N ILE B 140 20.31 16.41 -8.80
CA ILE B 140 21.59 16.93 -8.36
C ILE B 140 22.56 16.76 -9.53
N LEU B 141 23.10 17.88 -10.01
CA LEU B 141 23.94 17.89 -11.18
C LEU B 141 25.40 17.97 -10.76
N PHE B 142 26.23 17.08 -11.29
CA PHE B 142 27.65 17.06 -11.00
C PHE B 142 28.39 17.28 -12.32
N LEU B 143 28.92 18.48 -12.49
CA LEU B 143 29.69 18.80 -13.70
C LEU B 143 31.10 18.25 -13.50
N ASN B 144 31.23 16.95 -13.79
CA ASN B 144 32.43 16.20 -13.44
C ASN B 144 33.61 16.61 -14.32
N LYS B 145 34.79 16.16 -13.90
CA LYS B 145 36.04 16.40 -14.63
C LYS B 145 36.28 17.88 -14.86
N GLN B 146 36.38 18.63 -13.75
CA GLN B 146 36.62 20.06 -13.85
C GLN B 146 38.07 20.37 -14.19
N ASP B 147 39.01 19.54 -13.73
CA ASP B 147 40.41 19.75 -14.07
C ASP B 147 40.70 19.44 -15.54
N LEU B 148 40.06 18.42 -16.11
CA LEU B 148 40.15 18.23 -17.55
C LEU B 148 39.65 19.44 -18.30
N LEU B 149 38.55 20.03 -17.83
CA LEU B 149 38.03 21.25 -18.46
C LEU B 149 39.04 22.39 -18.35
N ALA B 150 39.66 22.54 -17.18
CA ALA B 150 40.63 23.62 -16.99
C ALA B 150 41.83 23.45 -17.92
N GLU B 151 42.36 22.23 -18.02
CA GLU B 151 43.50 22.00 -18.90
C GLU B 151 43.10 22.16 -20.37
N LYS B 152 41.87 21.77 -20.73
CA LYS B 152 41.42 21.94 -22.10
C LYS B 152 41.27 23.41 -22.47
N VAL B 153 40.75 24.22 -21.55
CA VAL B 153 40.58 25.64 -21.85
C VAL B 153 41.91 26.38 -21.78
N LEU B 154 42.87 25.87 -21.02
CA LEU B 154 44.21 26.47 -21.03
C LEU B 154 44.96 26.11 -22.30
N ALA B 155 44.75 24.89 -22.81
CA ALA B 155 45.43 24.47 -24.03
C ALA B 155 45.01 25.34 -25.21
N GLY B 156 43.72 25.62 -25.34
CA GLY B 156 43.22 26.45 -26.41
C GLY B 156 43.04 25.75 -27.74
N LYS B 157 43.34 24.45 -27.81
CA LYS B 157 43.17 23.72 -29.06
C LYS B 157 41.69 23.63 -29.46
N SER B 158 40.81 23.42 -28.49
CA SER B 158 39.38 23.32 -28.73
C SER B 158 38.68 24.51 -28.07
N LYS B 159 37.76 25.13 -28.81
CA LYS B 159 37.02 26.29 -28.33
C LYS B 159 35.55 25.95 -28.15
N ILE B 160 34.95 26.47 -27.09
CA ILE B 160 33.53 26.23 -26.84
C ILE B 160 32.68 26.92 -27.90
N GLU B 161 33.10 28.10 -28.35
CA GLU B 161 32.35 28.83 -29.37
C GLU B 161 32.25 28.04 -30.67
N ASP B 162 33.18 27.12 -30.92
CA ASP B 162 33.08 26.25 -32.09
C ASP B 162 31.81 25.40 -32.02
N TYR B 163 31.51 24.86 -30.85
CA TYR B 163 30.34 24.01 -30.67
C TYR B 163 29.11 24.78 -30.24
N PHE B 164 29.28 25.89 -29.53
CA PHE B 164 28.16 26.71 -29.05
C PHE B 164 28.38 28.16 -29.46
N PRO B 165 27.77 28.60 -30.57
CA PRO B 165 28.02 29.97 -31.05
C PRO B 165 27.61 31.04 -30.04
N GLU B 166 26.60 30.80 -29.22
CA GLU B 166 26.14 31.79 -28.26
C GLU B 166 27.13 32.04 -27.12
N PHE B 167 28.18 31.21 -27.02
CA PHE B 167 29.18 31.44 -25.98
C PHE B 167 29.94 32.74 -26.20
N ALA B 168 30.08 33.18 -27.45
CA ALA B 168 30.84 34.40 -27.74
C ALA B 168 30.20 35.62 -27.09
N ARG B 169 28.87 35.73 -27.14
CA ARG B 169 28.17 36.86 -26.54
C ARG B 169 27.93 36.68 -25.05
N TYR B 170 28.16 35.48 -24.51
CA TYR B 170 27.97 35.25 -23.09
C TYR B 170 29.04 35.97 -22.28
N THR B 171 28.64 36.55 -21.15
CA THR B 171 29.55 37.15 -20.20
C THR B 171 29.33 36.55 -18.82
N THR B 172 30.37 36.58 -18.00
CA THR B 172 30.28 36.00 -16.67
C THR B 172 29.29 36.78 -15.83
N PRO B 173 28.31 36.13 -15.22
CA PRO B 173 27.31 36.86 -14.44
C PRO B 173 27.93 37.48 -13.20
N GLU B 174 27.36 38.61 -12.79
CA GLU B 174 27.87 39.32 -11.63
C GLU B 174 27.49 38.58 -10.35
N ALA B 175 28.20 38.92 -9.26
CA ALA B 175 28.05 38.25 -7.97
C ALA B 175 28.31 36.75 -8.09
N ALA B 176 29.26 36.38 -8.94
CA ALA B 176 29.60 34.97 -9.12
C ALA B 176 30.53 34.48 -8.02
N THR B 177 31.74 35.04 -7.96
CA THR B 177 32.74 34.67 -6.96
C THR B 177 32.90 33.15 -6.85
N PRO B 178 33.39 32.49 -7.90
CA PRO B 178 33.43 31.02 -7.88
C PRO B 178 34.33 30.48 -6.79
N GLU B 179 35.61 30.83 -6.85
CA GLU B 179 36.59 30.49 -5.83
C GLU B 179 37.90 31.18 -6.17
N PRO B 180 38.73 31.48 -5.18
CA PRO B 180 39.99 32.18 -5.46
C PRO B 180 41.05 31.25 -6.04
N GLY B 181 41.47 31.57 -7.25
CA GLY B 181 42.55 30.83 -7.87
C GLY B 181 42.24 30.11 -9.16
N ASP B 182 41.35 30.64 -9.99
CA ASP B 182 41.15 30.15 -11.34
C ASP B 182 41.22 31.30 -12.34
N ASP B 183 41.62 30.98 -13.57
CA ASP B 183 41.65 31.97 -14.64
C ASP B 183 40.24 32.40 -15.00
N PRO B 184 40.06 33.62 -15.48
CA PRO B 184 38.71 34.06 -15.90
C PRO B 184 38.12 33.20 -17.00
N ARG B 185 38.94 32.67 -17.90
CA ARG B 185 38.40 31.84 -18.98
C ARG B 185 37.81 30.54 -18.44
N VAL B 186 38.48 29.94 -17.45
CA VAL B 186 37.96 28.70 -16.87
C VAL B 186 36.60 28.94 -16.22
N THR B 187 36.51 30.02 -15.42
CA THR B 187 35.25 30.34 -14.76
C THR B 187 34.17 30.65 -15.78
N ARG B 188 34.51 31.40 -16.84
CA ARG B 188 33.52 31.72 -17.87
C ARG B 188 32.99 30.45 -18.53
N ALA B 189 33.90 29.55 -18.89
CA ALA B 189 33.48 28.31 -19.55
C ALA B 189 32.59 27.47 -18.64
N LYS B 190 33.02 27.27 -17.39
CA LYS B 190 32.25 26.41 -16.50
C LYS B 190 30.91 27.04 -16.14
N TYR B 191 30.88 28.37 -15.99
CA TYR B 191 29.62 29.03 -15.68
C TYR B 191 28.66 28.99 -16.86
N PHE B 192 29.19 29.10 -18.08
CA PHE B 192 28.34 28.94 -19.26
C PHE B 192 27.75 27.54 -19.32
N ILE B 193 28.57 26.52 -19.07
CA ILE B 193 28.09 25.15 -19.09
C ILE B 193 27.03 24.94 -18.02
N ARG B 194 27.25 25.51 -16.84
CA ARG B 194 26.26 25.40 -15.77
C ARG B 194 24.97 26.12 -16.12
N LYS B 195 25.09 27.29 -16.77
CA LYS B 195 23.89 28.08 -17.09
C LYS B 195 23.03 27.37 -18.12
N GLU B 196 23.65 26.66 -19.06
CA GLU B 196 22.85 25.88 -20.00
C GLU B 196 21.92 24.91 -19.28
N PHE B 197 22.48 24.11 -18.37
CA PHE B 197 21.69 23.14 -17.62
C PHE B 197 20.68 23.84 -16.72
N VAL B 198 21.07 24.95 -16.09
CA VAL B 198 20.16 25.65 -15.19
C VAL B 198 18.97 26.19 -15.97
N ASP B 199 19.20 26.74 -17.16
CA ASP B 199 18.10 27.22 -17.99
C ASP B 199 17.18 26.09 -18.42
N ILE B 200 17.76 24.95 -18.80
CA ILE B 200 16.92 23.79 -19.12
C ILE B 200 16.07 23.40 -17.91
N SER B 201 16.66 23.44 -16.73
CA SER B 201 15.92 23.08 -15.52
C SER B 201 14.79 24.06 -15.26
N THR B 202 15.06 25.35 -15.37
CA THR B 202 14.13 26.39 -14.97
C THR B 202 13.14 26.76 -16.07
N ALA B 203 13.26 26.17 -17.26
CA ALA B 203 12.28 26.45 -18.31
C ALA B 203 10.88 26.04 -17.89
N SER B 204 10.74 24.87 -17.28
CA SER B 204 9.43 24.33 -16.91
C SER B 204 9.48 23.73 -15.51
N GLY B 205 10.26 24.33 -14.61
CA GLY B 205 10.37 23.78 -13.27
C GLY B 205 9.07 23.90 -12.48
N ASP B 206 8.43 25.07 -12.54
CA ASP B 206 7.15 25.33 -11.88
C ASP B 206 7.24 25.22 -10.36
N GLY B 207 8.44 25.01 -9.83
CA GLY B 207 8.65 25.00 -8.40
C GLY B 207 8.35 23.68 -7.70
N ARG B 208 7.87 22.67 -8.42
CA ARG B 208 7.66 21.38 -7.78
C ARG B 208 8.96 20.64 -7.53
N HIS B 209 9.92 20.75 -8.44
CA HIS B 209 11.20 20.09 -8.29
C HIS B 209 12.27 20.97 -8.91
N ILE B 210 13.41 21.10 -8.22
CA ILE B 210 14.45 22.03 -8.61
C ILE B 210 15.75 21.28 -8.85
N CYS B 211 16.73 21.98 -9.40
CA CYS B 211 18.02 21.41 -9.77
C CYS B 211 19.13 22.03 -8.94
N TYR B 212 20.05 21.19 -8.47
CA TYR B 212 21.17 21.64 -7.65
C TYR B 212 22.48 21.42 -8.40
N PRO B 213 23.07 22.44 -8.99
CA PRO B 213 24.33 22.26 -9.71
C PRO B 213 25.52 22.29 -8.78
N HIS B 214 26.54 21.49 -9.13
CA HIS B 214 27.76 21.42 -8.37
C HIS B 214 28.92 21.12 -9.32
N PHE B 215 30.09 21.67 -8.99
CA PHE B 215 31.31 21.49 -9.77
C PHE B 215 32.17 20.46 -9.04
N THR B 216 32.01 19.20 -9.40
CA THR B 216 32.78 18.13 -8.79
C THR B 216 34.01 17.81 -9.62
N CYS B 217 35.02 17.25 -8.96
CA CYS B 217 36.26 16.85 -9.61
C CYS B 217 36.48 15.35 -9.40
N ALA B 218 37.51 14.83 -10.08
CA ALA B 218 37.81 13.41 -9.98
C ALA B 218 38.50 13.07 -8.66
N VAL B 219 39.16 14.05 -8.04
CA VAL B 219 39.93 13.82 -6.82
C VAL B 219 39.28 14.45 -5.60
N ASP B 220 38.20 15.21 -5.77
CA ASP B 220 37.52 15.80 -4.62
C ASP B 220 36.91 14.72 -3.74
N THR B 221 37.08 14.87 -2.44
CA THR B 221 36.56 13.91 -1.46
C THR B 221 35.24 14.34 -0.85
N GLU B 222 34.86 15.60 -0.95
CA GLU B 222 33.62 16.09 -0.36
C GLU B 222 32.47 16.01 -1.36
N ASN B 223 32.28 14.83 -1.92
CA ASN B 223 31.13 14.56 -2.77
C ASN B 223 29.96 13.94 -2.03
N ALA B 224 30.14 13.58 -0.76
CA ALA B 224 29.03 13.08 0.03
C ALA B 224 28.38 14.17 0.87
N ARG B 225 29.15 15.18 1.29
CA ARG B 225 28.57 16.30 2.00
C ARG B 225 27.65 17.12 1.12
N ARG B 226 28.02 17.27 -0.17
CA ARG B 226 27.14 17.98 -1.09
C ARG B 226 25.82 17.23 -1.28
N ILE B 227 25.88 15.91 -1.45
CA ILE B 227 24.67 15.13 -1.60
C ILE B 227 23.86 15.16 -0.32
N PHE B 228 24.52 15.17 0.84
CA PHE B 228 23.80 15.27 2.10
C PHE B 228 23.06 16.60 2.21
N ASN B 229 23.74 17.70 1.86
CA ASN B 229 23.08 18.99 1.92
C ASN B 229 21.92 19.08 0.94
N ASP B 230 22.09 18.51 -0.25
CA ASP B 230 21.01 18.54 -1.24
C ASP B 230 19.82 17.70 -0.80
N CYS B 231 20.06 16.52 -0.24
CA CYS B 231 18.96 15.72 0.27
C CYS B 231 18.28 16.42 1.44
N LYS B 232 19.06 17.11 2.28
CA LYS B 232 18.46 17.85 3.38
C LYS B 232 17.55 18.96 2.86
N ASP B 233 17.99 19.68 1.83
CA ASP B 233 17.13 20.73 1.27
C ASP B 233 15.88 20.15 0.62
N ILE B 234 16.02 19.00 -0.06
CA ILE B 234 14.86 18.37 -0.67
C ILE B 234 13.86 17.96 0.40
N ILE B 235 14.33 17.38 1.50
CA ILE B 235 13.43 16.97 2.57
C ILE B 235 12.80 18.19 3.22
N LEU B 236 13.55 19.29 3.33
CA LEU B 236 12.97 20.51 3.88
C LEU B 236 11.84 21.02 3.01
N GLN B 237 12.03 21.00 1.69
CA GLN B 237 10.95 21.43 0.79
C GLN B 237 9.75 20.51 0.90
N MET B 238 9.98 19.21 1.00
CA MET B 238 8.87 18.27 1.14
C MET B 238 8.11 18.51 2.44
N ASN B 239 8.84 18.79 3.53
CA ASN B 239 8.19 19.07 4.81
C ASN B 239 7.40 20.36 4.75
N LEU B 240 7.93 21.38 4.08
CA LEU B 240 7.17 22.60 3.89
C LEU B 240 5.89 22.32 3.12
N ARG B 241 5.96 21.43 2.13
CA ARG B 241 4.78 21.12 1.34
C ARG B 241 3.74 20.36 2.16
N GLU B 242 4.18 19.48 3.06
CA GLU B 242 3.22 18.68 3.83
C GLU B 242 2.52 19.52 4.90
N TYR B 243 3.20 20.50 5.46
CA TYR B 243 2.61 21.38 6.47
C TYR B 243 1.70 22.43 5.88
N ASN B 244 1.44 22.39 4.58
CA ASN B 244 0.62 23.38 3.89
C ASN B 244 1.21 24.77 3.97
N LEU B 245 2.50 24.89 4.30
CA LEU B 245 3.16 26.19 4.26
C LEU B 245 3.37 26.65 2.82
N VAL B 246 3.56 25.73 1.89
CA VAL B 246 3.59 26.05 0.47
C VAL B 246 2.66 25.10 -0.27
N GLU C 11 21.49 -5.70 -55.56
CA GLU C 11 21.54 -6.54 -54.37
C GLU C 11 20.66 -5.97 -53.26
N LEU C 12 21.17 -4.94 -52.57
CA LEU C 12 20.41 -4.32 -51.50
C LEU C 12 19.14 -3.65 -52.04
N ASP C 13 19.24 -3.00 -53.20
CA ASP C 13 18.07 -2.37 -53.79
C ASP C 13 17.01 -3.40 -54.15
N GLN C 14 17.42 -4.54 -54.72
CA GLN C 14 16.47 -5.58 -55.05
C GLN C 14 15.81 -6.16 -53.81
N LEU C 15 16.58 -6.38 -52.74
CA LEU C 15 16.00 -6.88 -51.50
C LEU C 15 15.02 -5.89 -50.91
N ARG C 16 15.35 -4.60 -50.93
CA ARG C 16 14.43 -3.58 -50.43
C ARG C 16 13.16 -3.53 -51.26
N GLN C 17 13.29 -3.64 -52.59
CA GLN C 17 12.11 -3.65 -53.45
C GLN C 17 11.23 -4.86 -53.16
N GLU C 18 11.84 -6.03 -52.98
CA GLU C 18 11.07 -7.24 -52.68
C GLU C 18 10.36 -7.10 -51.34
N ALA C 19 11.05 -6.57 -50.33
CA ALA C 19 10.42 -6.39 -49.02
C ALA C 19 9.26 -5.41 -49.10
N GLU C 20 9.45 -4.31 -49.83
CA GLU C 20 8.36 -3.34 -50.01
C GLU C 20 7.18 -3.96 -50.73
N GLN C 21 7.45 -4.77 -51.77
CA GLN C 21 6.37 -5.43 -52.49
C GLN C 21 5.61 -6.39 -51.58
N LEU C 22 6.33 -7.16 -50.77
CA LEU C 22 5.65 -8.08 -49.85
C LEU C 22 4.82 -7.33 -48.81
N LYS C 23 5.37 -6.23 -48.28
CA LYS C 23 4.62 -5.43 -47.31
C LYS C 23 3.36 -4.84 -47.93
N ASN C 24 3.47 -4.32 -49.15
CA ASN C 24 2.31 -3.77 -49.84
C ASN C 24 1.28 -4.86 -50.13
N GLN C 25 1.74 -6.06 -50.49
CA GLN C 25 0.82 -7.16 -50.72
C GLN C 25 0.07 -7.52 -49.44
N ILE C 26 0.77 -7.57 -48.32
CA ILE C 26 0.11 -7.88 -47.04
C ILE C 26 -0.88 -6.78 -46.67
N ARG C 27 -0.51 -5.52 -46.87
CA ARG C 27 -1.41 -4.42 -46.57
C ARG C 27 -2.66 -4.47 -47.44
N ASP C 28 -2.50 -4.76 -48.74
CA ASP C 28 -3.65 -4.89 -49.62
C ASP C 28 -4.53 -6.07 -49.21
N ALA C 29 -3.91 -7.18 -48.81
CA ALA C 29 -4.67 -8.34 -48.38
C ALA C 29 -5.50 -8.05 -47.15
N ARG C 30 -4.92 -7.32 -46.17
CA ARG C 30 -5.68 -7.00 -44.97
C ARG C 30 -6.71 -5.91 -45.22
N LYS C 31 -6.47 -5.02 -46.19
CA LYS C 31 -7.47 -4.00 -46.52
C LYS C 31 -8.66 -4.58 -47.28
N ALA C 32 -8.41 -5.57 -48.14
CA ALA C 32 -9.49 -6.20 -48.89
C ALA C 32 -10.41 -7.04 -48.01
N CYS C 33 -9.89 -7.58 -46.91
CA CYS C 33 -10.70 -8.39 -46.00
C CYS C 33 -11.59 -7.54 -45.10
N ALA C 34 -11.36 -6.24 -45.01
CA ALA C 34 -12.16 -5.34 -44.18
C ALA C 34 -13.39 -4.95 -44.99
N ASP C 35 -14.52 -5.60 -44.70
CA ASP C 35 -15.77 -5.36 -45.44
C ASP C 35 -16.78 -4.56 -44.64
N ALA C 36 -17.02 -4.92 -43.38
CA ALA C 36 -17.95 -4.21 -42.52
C ALA C 36 -17.32 -3.99 -41.16
N THR C 37 -17.50 -2.79 -40.63
CA THR C 37 -17.00 -2.47 -39.31
C THR C 37 -17.83 -3.18 -38.24
N LEU C 38 -17.14 -3.56 -37.16
CA LEU C 38 -17.82 -4.23 -36.05
C LEU C 38 -18.80 -3.30 -35.34
N SER C 39 -18.53 -1.99 -35.36
CA SER C 39 -19.51 -1.05 -34.85
C SER C 39 -20.79 -1.05 -35.67
N GLN C 40 -20.70 -1.36 -36.96
CA GLN C 40 -21.86 -1.45 -37.84
C GLN C 40 -22.63 -2.75 -37.67
N ILE C 41 -22.03 -3.76 -37.04
CA ILE C 41 -22.71 -5.03 -36.82
C ILE C 41 -23.42 -5.05 -35.48
N THR C 42 -22.79 -4.52 -34.43
CA THR C 42 -23.37 -4.47 -33.09
C THR C 42 -24.05 -3.14 -32.80
N ASN C 43 -24.57 -2.47 -33.83
CA ASN C 43 -25.25 -1.19 -33.62
C ASN C 43 -26.58 -1.39 -32.91
N ASN C 44 -27.34 -2.43 -33.30
CA ASN C 44 -28.64 -2.70 -32.70
C ASN C 44 -28.50 -3.72 -31.55
N ILE C 45 -27.66 -3.35 -30.59
CA ILE C 45 -27.42 -4.17 -29.41
C ILE C 45 -27.58 -3.27 -28.19
N ASP C 46 -28.34 -3.75 -27.20
CA ASP C 46 -28.66 -2.93 -26.04
C ASP C 46 -27.39 -2.55 -25.29
N PRO C 47 -27.17 -1.28 -24.99
CA PRO C 47 -25.98 -0.88 -24.24
C PRO C 47 -26.03 -1.38 -22.81
N VAL C 48 -24.83 -1.57 -22.24
CA VAL C 48 -24.72 -2.08 -20.88
C VAL C 48 -25.21 -1.08 -19.85
N GLY C 49 -25.27 0.20 -20.19
CA GLY C 49 -25.74 1.21 -19.27
C GLY C 49 -24.71 1.59 -18.24
N ARG C 50 -25.06 2.59 -17.44
CA ARG C 50 -24.15 3.05 -16.39
C ARG C 50 -23.98 1.97 -15.33
N ILE C 51 -22.74 1.73 -14.94
CA ILE C 51 -22.39 0.68 -13.98
C ILE C 51 -21.60 1.29 -12.84
N GLN C 52 -22.08 1.09 -11.62
CA GLN C 52 -21.43 1.60 -10.42
C GLN C 52 -20.90 0.41 -9.63
N MET C 53 -19.62 0.44 -9.32
CA MET C 53 -18.97 -0.59 -8.52
C MET C 53 -18.29 0.08 -7.34
N ARG C 54 -18.49 -0.46 -6.15
CA ARG C 54 -17.98 0.13 -4.92
C ARG C 54 -16.83 -0.69 -4.37
N THR C 55 -16.01 -0.05 -3.53
CA THR C 55 -14.86 -0.72 -2.94
C THR C 55 -15.34 -1.72 -1.91
N ARG C 56 -15.52 -2.97 -2.33
CA ARG C 56 -15.97 -4.00 -1.41
C ARG C 56 -14.92 -4.30 -0.35
N ARG C 57 -13.68 -4.55 -0.76
CA ARG C 57 -12.59 -4.80 0.17
C ARG C 57 -11.39 -3.98 -0.25
N THR C 58 -10.86 -3.18 0.67
CA THR C 58 -9.57 -2.55 0.46
C THR C 58 -8.50 -3.38 1.17
N LEU C 59 -7.46 -3.76 0.44
CA LEU C 59 -6.43 -4.66 0.94
C LEU C 59 -5.19 -3.84 1.26
N ARG C 60 -5.17 -3.25 2.45
CA ARG C 60 -4.04 -2.45 2.90
C ARG C 60 -3.01 -3.33 3.57
N GLY C 61 -1.76 -2.89 3.51
CA GLY C 61 -0.67 -3.68 4.05
C GLY C 61 0.61 -3.61 3.23
N HIS C 62 0.55 -2.90 2.11
CA HIS C 62 1.75 -2.60 1.33
C HIS C 62 2.28 -1.23 1.72
N LEU C 63 3.59 -1.12 1.81
CA LEU C 63 4.23 0.10 2.27
C LEU C 63 4.81 0.92 1.14
N ALA C 64 4.65 0.49 -0.10
CA ALA C 64 5.16 1.22 -1.25
C ALA C 64 4.24 0.98 -2.43
N LYS C 65 4.56 1.62 -3.55
CA LYS C 65 3.71 1.54 -4.73
C LYS C 65 3.64 0.10 -5.25
N ILE C 66 2.42 -0.36 -5.47
CA ILE C 66 2.16 -1.69 -6.02
C ILE C 66 2.38 -1.63 -7.51
N TYR C 67 3.18 -2.55 -8.03
CA TYR C 67 3.58 -2.48 -9.42
C TYR C 67 3.08 -3.66 -10.25
N ALA C 68 2.61 -4.73 -9.60
CA ALA C 68 2.04 -5.86 -10.30
C ALA C 68 0.95 -6.49 -9.45
N MET C 69 0.39 -7.59 -9.96
CA MET C 69 -0.76 -8.24 -9.34
C MET C 69 -1.06 -9.51 -10.12
N HIS C 70 -1.70 -10.46 -9.45
CA HIS C 70 -2.26 -11.60 -10.15
C HIS C 70 -3.28 -12.29 -9.26
N TRP C 71 -4.37 -12.76 -9.85
CA TRP C 71 -5.34 -13.56 -9.12
C TRP C 71 -4.99 -15.03 -9.22
N GLY C 72 -5.24 -15.76 -8.14
CA GLY C 72 -5.07 -17.19 -8.18
C GLY C 72 -6.13 -17.85 -9.04
N THR C 73 -5.90 -19.13 -9.33
CA THR C 73 -6.90 -19.90 -10.07
C THR C 73 -8.21 -19.98 -9.28
N ASP C 74 -8.11 -20.13 -7.95
CA ASP C 74 -9.29 -20.19 -7.11
C ASP C 74 -10.05 -18.86 -7.05
N SER C 75 -9.47 -17.78 -7.54
CA SER C 75 -10.06 -16.44 -7.52
C SER C 75 -10.27 -15.93 -6.10
N ARG C 76 -9.60 -16.55 -5.12
CA ARG C 76 -9.67 -16.12 -3.73
C ARG C 76 -8.40 -15.48 -3.24
N LEU C 77 -7.25 -15.97 -3.68
CA LEU C 77 -5.95 -15.48 -3.25
C LEU C 77 -5.32 -14.67 -4.38
N LEU C 78 -4.82 -13.48 -4.04
CA LEU C 78 -4.17 -12.64 -5.03
C LEU C 78 -2.79 -12.24 -4.54
N VAL C 79 -1.83 -12.28 -5.44
CA VAL C 79 -0.43 -12.02 -5.12
C VAL C 79 -0.10 -10.61 -5.59
N SER C 80 0.43 -9.78 -4.70
CA SER C 80 0.70 -8.40 -5.02
C SER C 80 2.17 -8.10 -4.82
N ALA C 81 2.81 -7.55 -5.85
CA ALA C 81 4.22 -7.19 -5.79
C ALA C 81 4.33 -5.67 -5.70
N SER C 82 5.16 -5.21 -4.77
CA SER C 82 5.33 -3.79 -4.55
C SER C 82 6.82 -3.47 -4.42
N GLN C 83 7.15 -2.20 -4.64
CA GLN C 83 8.54 -1.76 -4.68
C GLN C 83 9.17 -1.64 -3.30
N ASP C 84 8.51 -2.10 -2.24
CA ASP C 84 9.15 -2.22 -0.95
C ASP C 84 9.74 -3.61 -0.72
N GLY C 85 9.72 -4.48 -1.74
CA GLY C 85 10.40 -5.75 -1.67
C GLY C 85 9.61 -6.89 -1.09
N LYS C 86 8.29 -6.80 -1.06
CA LYS C 86 7.44 -7.85 -0.51
C LYS C 86 6.51 -8.39 -1.59
N LEU C 87 6.00 -9.59 -1.35
CA LEU C 87 5.18 -10.32 -2.32
C LEU C 87 3.96 -10.91 -1.63
N ILE C 88 3.23 -10.06 -0.89
CA ILE C 88 2.15 -10.53 -0.05
C ILE C 88 1.14 -11.33 -0.86
N ILE C 89 0.62 -12.39 -0.27
CA ILE C 89 -0.38 -13.23 -0.92
C ILE C 89 -1.66 -13.09 -0.12
N TRP C 90 -2.51 -12.15 -0.52
CA TRP C 90 -3.71 -11.86 0.23
C TRP C 90 -4.78 -12.91 0.01
N ASP C 91 -5.53 -13.18 1.08
CA ASP C 91 -6.85 -13.80 0.98
C ASP C 91 -7.83 -12.65 0.72
N SER C 92 -8.43 -12.66 -0.47
CA SER C 92 -9.22 -11.50 -0.87
C SER C 92 -10.52 -11.40 -0.10
N TYR C 93 -11.13 -12.54 0.25
CA TYR C 93 -12.45 -12.52 0.91
C TYR C 93 -12.38 -11.86 2.28
N THR C 94 -11.32 -12.16 3.05
CA THR C 94 -11.25 -11.76 4.44
C THR C 94 -10.16 -10.73 4.71
N THR C 95 -9.51 -10.21 3.67
CA THR C 95 -8.40 -9.26 3.80
C THR C 95 -7.28 -9.83 4.68
N ASN C 96 -6.99 -11.11 4.50
CA ASN C 96 -5.97 -11.81 5.28
C ASN C 96 -4.72 -12.02 4.45
N LYS C 97 -3.56 -11.83 5.06
CA LYS C 97 -2.27 -12.04 4.40
C LYS C 97 -1.85 -13.48 4.67
N VAL C 98 -1.96 -14.34 3.66
CA VAL C 98 -1.52 -15.72 3.81
C VAL C 98 -0.01 -15.78 3.97
N HIS C 99 0.72 -15.03 3.14
CA HIS C 99 2.17 -15.04 3.17
C HIS C 99 2.70 -13.64 2.89
N ALA C 100 3.89 -13.36 3.40
CA ALA C 100 4.61 -12.13 3.09
C ALA C 100 6.04 -12.51 2.77
N ILE C 101 6.38 -12.53 1.48
CA ILE C 101 7.68 -12.99 1.01
C ILE C 101 8.58 -11.76 0.85
N PRO C 102 9.69 -11.67 1.57
CA PRO C 102 10.63 -10.57 1.31
C PRO C 102 11.53 -10.90 0.14
N LEU C 103 11.63 -9.96 -0.80
CA LEU C 103 12.37 -10.18 -2.04
C LEU C 103 13.83 -9.79 -1.86
N ARG C 104 14.70 -10.45 -2.62
CA ARG C 104 16.13 -10.13 -2.59
C ARG C 104 16.39 -8.73 -3.12
N SER C 105 15.71 -8.35 -4.20
CA SER C 105 15.85 -7.03 -4.81
C SER C 105 14.54 -6.27 -4.69
N SER C 106 14.61 -5.03 -4.23
CA SER C 106 13.40 -4.24 -4.04
C SER C 106 12.69 -3.97 -5.36
N TRP C 107 13.45 -3.71 -6.42
CA TRP C 107 12.87 -3.32 -7.70
C TRP C 107 12.19 -4.52 -8.35
N VAL C 108 10.87 -4.60 -8.19
CA VAL C 108 10.07 -5.65 -8.80
C VAL C 108 9.07 -4.99 -9.74
N MET C 109 8.94 -5.54 -10.94
CA MET C 109 8.10 -4.97 -11.98
C MET C 109 7.04 -5.95 -12.47
N THR C 110 7.11 -7.20 -12.06
CA THR C 110 6.12 -8.18 -12.48
C THR C 110 5.78 -9.08 -11.31
N CYS C 111 4.74 -9.89 -11.50
CA CYS C 111 4.32 -10.84 -10.50
C CYS C 111 3.48 -11.89 -11.21
N ALA C 112 3.51 -13.11 -10.68
CA ALA C 112 2.74 -14.19 -11.27
C ALA C 112 2.44 -15.23 -10.22
N TYR C 113 1.24 -15.81 -10.28
CA TYR C 113 0.84 -16.87 -9.37
C TYR C 113 0.51 -18.07 -10.24
N ALA C 114 1.12 -19.21 -9.94
CA ALA C 114 1.02 -20.34 -10.84
C ALA C 114 -0.41 -20.85 -10.93
N PRO C 115 -0.83 -21.41 -12.06
CA PRO C 115 -2.19 -21.96 -12.16
C PRO C 115 -2.46 -23.07 -11.15
N SER C 116 -1.47 -23.92 -10.88
CA SER C 116 -1.66 -24.95 -9.85
C SER C 116 -1.72 -24.33 -8.46
N GLY C 117 -1.04 -23.21 -8.25
CA GLY C 117 -1.07 -22.51 -6.99
C GLY C 117 0.13 -22.73 -6.10
N ASN C 118 1.00 -23.68 -6.44
CA ASN C 118 2.14 -24.01 -5.59
C ASN C 118 3.23 -22.94 -5.59
N TYR C 119 3.42 -22.24 -6.71
CA TYR C 119 4.56 -21.34 -6.86
C TYR C 119 4.07 -19.93 -7.18
N VAL C 120 4.90 -18.96 -6.81
CA VAL C 120 4.77 -17.60 -7.32
C VAL C 120 6.07 -17.26 -8.04
N ALA C 121 6.04 -16.19 -8.82
CA ALA C 121 7.22 -15.72 -9.51
C ALA C 121 7.23 -14.21 -9.53
N CYS C 122 8.42 -13.62 -9.45
CA CYS C 122 8.55 -12.18 -9.49
C CYS C 122 9.83 -11.80 -10.20
N GLY C 123 9.80 -10.64 -10.85
CA GLY C 123 10.97 -10.14 -11.54
C GLY C 123 10.93 -8.64 -11.63
N GLY C 124 12.09 -8.06 -11.91
CA GLY C 124 12.21 -6.61 -11.93
C GLY C 124 13.45 -6.14 -12.65
N LEU C 125 14.13 -5.15 -12.09
CA LEU C 125 15.33 -4.61 -12.69
C LEU C 125 16.55 -5.49 -12.48
N ASP C 126 16.44 -6.56 -11.71
CA ASP C 126 17.56 -7.45 -11.44
C ASP C 126 17.83 -8.42 -12.56
N ASN C 127 17.03 -8.39 -13.62
CA ASN C 127 17.16 -9.23 -14.81
C ASN C 127 16.91 -10.71 -14.51
N ILE C 128 16.46 -11.04 -13.31
CA ILE C 128 16.33 -12.42 -12.87
C ILE C 128 14.89 -12.66 -12.42
N CYS C 129 14.30 -13.76 -12.89
CA CYS C 129 12.95 -14.16 -12.50
C CYS C 129 13.07 -15.17 -11.36
N SER C 130 12.62 -14.78 -10.17
CA SER C 130 12.70 -15.62 -9.00
C SER C 130 11.40 -16.39 -8.83
N ILE C 131 11.50 -17.70 -8.60
CA ILE C 131 10.34 -18.55 -8.38
C ILE C 131 10.34 -19.03 -6.93
N TYR C 132 9.27 -18.76 -6.21
CA TYR C 132 9.13 -19.12 -4.81
C TYR C 132 8.13 -20.25 -4.68
N ASN C 133 8.50 -21.25 -3.89
CA ASN C 133 7.65 -22.40 -3.62
C ASN C 133 6.92 -22.16 -2.30
N LEU C 134 5.59 -22.23 -2.33
CA LEU C 134 4.76 -21.82 -1.20
C LEU C 134 4.32 -22.98 -0.34
N LYS C 135 3.59 -23.94 -0.91
CA LYS C 135 3.02 -25.04 -0.14
C LYS C 135 4.04 -26.18 -0.15
N THR C 136 4.93 -26.17 0.84
CA THR C 136 5.97 -27.17 1.00
C THR C 136 6.03 -27.57 2.46
N ARG C 137 7.07 -28.33 2.81
CA ARG C 137 7.30 -28.67 4.21
C ARG C 137 7.92 -27.47 4.92
N GLU C 138 8.33 -27.70 6.17
CA GLU C 138 9.10 -26.78 7.01
C GLU C 138 8.47 -25.39 7.13
N GLY C 139 7.26 -25.23 6.63
CA GLY C 139 6.49 -24.01 6.87
C GLY C 139 7.16 -22.72 6.43
N ASN C 140 7.86 -22.74 5.30
CA ASN C 140 8.48 -21.54 4.77
C ASN C 140 8.29 -21.46 3.26
N VAL C 141 8.34 -20.24 2.77
CA VAL C 141 8.41 -19.96 1.34
C VAL C 141 9.84 -19.54 1.03
N ARG C 142 10.47 -20.28 0.11
CA ARG C 142 11.89 -20.08 -0.19
C ARG C 142 12.08 -20.10 -1.69
N VAL C 143 13.13 -19.39 -2.13
CA VAL C 143 13.40 -19.28 -3.56
C VAL C 143 13.70 -20.66 -4.13
N SER C 144 12.94 -21.03 -5.16
CA SER C 144 13.12 -22.33 -5.79
C SER C 144 14.12 -22.26 -6.95
N ARG C 145 13.94 -21.31 -7.86
CA ARG C 145 14.83 -21.16 -9.01
C ARG C 145 14.98 -19.68 -9.32
N GLU C 146 16.22 -19.23 -9.46
CA GLU C 146 16.50 -17.87 -9.88
C GLU C 146 16.89 -17.90 -11.35
N LEU C 147 15.89 -17.84 -12.23
CA LEU C 147 16.12 -17.91 -13.66
C LEU C 147 16.82 -16.65 -14.14
N ALA C 148 18.03 -16.82 -14.68
CA ALA C 148 18.82 -15.70 -15.17
C ALA C 148 19.20 -15.94 -16.61
N GLY C 149 19.40 -14.85 -17.35
CA GLY C 149 19.73 -14.95 -18.75
C GLY C 149 19.12 -13.88 -19.63
N HIS C 150 18.30 -13.02 -19.04
CA HIS C 150 17.80 -11.85 -19.76
C HIS C 150 18.79 -10.70 -19.62
N THR C 151 18.92 -9.93 -20.69
CA THR C 151 19.83 -8.79 -20.71
C THR C 151 19.20 -7.52 -20.16
N GLY C 152 17.94 -7.24 -20.52
CA GLY C 152 17.23 -6.08 -20.02
C GLY C 152 16.29 -6.44 -18.88
N TYR C 153 15.70 -5.40 -18.31
CA TYR C 153 14.83 -5.56 -17.15
C TYR C 153 13.66 -6.46 -17.49
N LEU C 154 13.20 -7.21 -16.51
CA LEU C 154 12.05 -8.09 -16.70
C LEU C 154 10.77 -7.29 -16.50
N SER C 155 9.78 -7.54 -17.35
CA SER C 155 8.57 -6.73 -17.37
C SER C 155 7.32 -7.50 -17.01
N CYS C 156 7.07 -8.64 -17.66
CA CYS C 156 5.90 -9.46 -17.35
C CYS C 156 6.27 -10.92 -17.43
N CYS C 157 6.04 -11.65 -16.34
CA CYS C 157 6.27 -13.09 -16.29
C CYS C 157 4.92 -13.78 -16.10
N ARG C 158 4.70 -14.85 -16.85
CA ARG C 158 3.44 -15.58 -16.78
C ARG C 158 3.72 -17.08 -16.84
N PHE C 159 2.98 -17.84 -16.06
CA PHE C 159 3.20 -19.28 -15.96
C PHE C 159 2.41 -20.02 -17.04
N LEU C 160 2.88 -21.20 -17.40
CA LEU C 160 2.12 -22.14 -18.22
C LEU C 160 1.71 -23.38 -17.44
N ASP C 161 2.64 -23.95 -16.69
CA ASP C 161 2.39 -25.07 -15.79
C ASP C 161 3.32 -24.89 -14.60
N ASP C 162 3.48 -25.96 -13.82
CA ASP C 162 4.41 -25.93 -12.70
C ASP C 162 5.87 -25.87 -13.15
N ASN C 163 6.15 -26.05 -14.44
CA ASN C 163 7.53 -26.19 -14.91
C ASN C 163 7.95 -25.18 -15.98
N GLN C 164 7.02 -24.52 -16.67
CA GLN C 164 7.37 -23.62 -17.76
C GLN C 164 6.92 -22.21 -17.43
N ILE C 165 7.72 -21.23 -17.86
CA ILE C 165 7.42 -19.82 -17.64
C ILE C 165 7.66 -19.06 -18.94
N VAL C 166 6.93 -17.97 -19.14
CA VAL C 166 7.21 -17.01 -20.18
C VAL C 166 7.54 -15.68 -19.52
N THR C 167 8.67 -15.10 -19.88
CA THR C 167 9.10 -13.82 -19.35
C THR C 167 9.49 -12.89 -20.48
N SER C 168 8.95 -11.68 -20.46
CA SER C 168 9.28 -10.65 -21.43
C SER C 168 10.25 -9.69 -20.75
N SER C 169 11.31 -9.32 -21.46
CA SER C 169 12.33 -8.49 -20.85
C SER C 169 12.50 -7.19 -21.60
N GLY C 170 13.33 -6.31 -21.05
CA GLY C 170 13.54 -4.99 -21.63
C GLY C 170 14.59 -4.98 -22.71
N ASP C 171 15.13 -6.15 -23.04
CA ASP C 171 16.09 -6.29 -24.13
C ASP C 171 15.40 -6.72 -25.42
N THR C 172 14.15 -6.30 -25.60
CA THR C 172 13.39 -6.52 -26.83
C THR C 172 13.25 -8.02 -27.14
N THR C 173 12.92 -8.82 -26.13
CA THR C 173 12.72 -10.23 -26.39
C THR C 173 11.83 -10.84 -25.31
N CYS C 174 11.35 -12.04 -25.61
CA CYS C 174 10.61 -12.87 -24.67
C CYS C 174 11.28 -14.22 -24.63
N ALA C 175 11.04 -14.98 -23.56
CA ALA C 175 11.72 -16.25 -23.39
C ALA C 175 10.85 -17.21 -22.61
N LEU C 176 10.76 -18.44 -23.12
CA LEU C 176 10.08 -19.53 -22.45
C LEU C 176 11.14 -20.39 -21.77
N TRP C 177 11.09 -20.43 -20.44
CA TRP C 177 12.02 -21.14 -19.59
C TRP C 177 11.39 -22.42 -19.06
N ASP C 178 12.25 -23.40 -18.79
CA ASP C 178 11.90 -24.57 -17.99
C ASP C 178 12.45 -24.36 -16.60
N ILE C 179 11.58 -24.46 -15.59
CA ILE C 179 12.00 -24.18 -14.22
C ILE C 179 13.01 -25.20 -13.73
N GLU C 180 12.79 -26.49 -14.04
CA GLU C 180 13.67 -27.53 -13.56
C GLU C 180 15.08 -27.37 -14.14
N THR C 181 15.17 -27.10 -15.45
CA THR C 181 16.48 -26.95 -16.07
C THR C 181 17.16 -25.65 -15.63
N GLY C 182 16.39 -24.58 -15.49
CA GLY C 182 16.94 -23.28 -15.16
C GLY C 182 17.42 -22.48 -16.35
N GLN C 183 17.28 -22.98 -17.56
CA GLN C 183 17.74 -22.32 -18.77
C GLN C 183 16.60 -22.19 -19.77
N GLN C 184 16.70 -21.17 -20.62
CA GLN C 184 15.68 -20.94 -21.63
C GLN C 184 15.54 -22.13 -22.56
N THR C 185 14.30 -22.57 -22.79
CA THR C 185 14.04 -23.56 -23.81
C THR C 185 13.60 -22.97 -25.13
N THR C 186 13.06 -21.74 -25.12
CA THR C 186 12.69 -21.07 -26.36
C THR C 186 12.91 -19.57 -26.17
N THR C 187 13.24 -18.88 -27.25
CA THR C 187 13.36 -17.43 -27.22
C THR C 187 12.60 -16.84 -28.40
N PHE C 188 12.08 -15.63 -28.20
CA PHE C 188 11.34 -14.91 -29.21
C PHE C 188 11.94 -13.53 -29.36
N THR C 189 12.45 -13.22 -30.55
CA THR C 189 13.08 -11.95 -30.84
C THR C 189 12.48 -11.37 -32.12
N GLY C 190 12.63 -10.07 -32.28
CA GLY C 190 12.09 -9.38 -33.42
C GLY C 190 11.56 -8.01 -33.06
N HIS C 191 11.34 -7.78 -31.77
CA HIS C 191 10.89 -6.48 -31.30
C HIS C 191 12.02 -5.47 -31.36
N THR C 192 11.65 -4.20 -31.48
CA THR C 192 12.61 -3.11 -31.51
C THR C 192 12.72 -2.38 -30.19
N GLY C 193 11.63 -2.28 -29.43
CA GLY C 193 11.62 -1.62 -28.14
C GLY C 193 11.35 -2.60 -27.01
N ASP C 194 11.41 -2.06 -25.79
CA ASP C 194 11.24 -2.87 -24.59
C ASP C 194 9.88 -3.55 -24.61
N VAL C 195 9.87 -4.87 -24.37
CA VAL C 195 8.63 -5.63 -24.35
C VAL C 195 7.97 -5.37 -23.01
N MET C 196 6.97 -4.48 -23.00
CA MET C 196 6.44 -3.95 -21.74
C MET C 196 5.31 -4.77 -21.14
N SER C 197 4.75 -5.73 -21.87
CA SER C 197 3.62 -6.47 -21.36
C SER C 197 3.49 -7.79 -22.09
N LEU C 198 2.67 -8.67 -21.53
CA LEU C 198 2.53 -10.02 -22.06
C LEU C 198 1.22 -10.62 -21.55
N SER C 199 0.62 -11.48 -22.36
CA SER C 199 -0.60 -12.18 -21.96
C SER C 199 -0.71 -13.47 -22.76
N LEU C 200 -1.30 -14.49 -22.16
CA LEU C 200 -1.44 -15.78 -22.81
C LEU C 200 -2.86 -15.97 -23.33
N ALA C 201 -3.14 -17.17 -23.82
CA ALA C 201 -4.41 -17.61 -24.36
C ALA C 201 -4.95 -18.76 -23.53
N PRO C 202 -6.27 -18.96 -23.51
CA PRO C 202 -6.83 -20.07 -22.72
C PRO C 202 -6.26 -21.43 -23.11
N ASP C 203 -5.93 -21.64 -24.38
CA ASP C 203 -5.31 -22.87 -24.81
C ASP C 203 -3.85 -22.96 -24.39
N THR C 204 -3.24 -21.84 -23.98
CA THR C 204 -1.83 -21.78 -23.59
C THR C 204 -0.94 -22.30 -24.71
N ARG C 205 -1.28 -21.96 -25.96
CA ARG C 205 -0.48 -22.29 -27.12
C ARG C 205 0.12 -21.08 -27.81
N LEU C 206 -0.41 -19.88 -27.57
CA LEU C 206 0.08 -18.66 -28.20
C LEU C 206 0.03 -17.55 -27.16
N PHE C 207 0.81 -16.50 -27.39
CA PHE C 207 0.76 -15.35 -26.50
C PHE C 207 1.14 -14.10 -27.27
N VAL C 208 0.53 -12.98 -26.87
CA VAL C 208 0.71 -11.71 -27.57
C VAL C 208 1.49 -10.76 -26.67
N SER C 209 2.50 -10.12 -27.25
CA SER C 209 3.39 -9.26 -26.50
C SER C 209 3.48 -7.90 -27.16
N GLY C 210 3.42 -6.85 -26.34
CA GLY C 210 3.50 -5.50 -26.85
C GLY C 210 4.76 -4.80 -26.39
N ALA C 211 5.45 -4.14 -27.31
CA ALA C 211 6.70 -3.47 -27.01
C ALA C 211 6.55 -1.96 -27.13
N CYS C 212 7.65 -1.26 -26.89
CA CYS C 212 7.67 0.20 -26.92
C CYS C 212 7.82 0.77 -28.32
N ASP C 213 7.94 -0.08 -29.34
CA ASP C 213 7.97 0.37 -30.72
C ASP C 213 6.57 0.58 -31.28
N ALA C 214 5.57 0.72 -30.41
CA ALA C 214 4.18 0.95 -30.81
C ALA C 214 3.67 -0.17 -31.71
N SER C 215 3.99 -1.41 -31.34
CA SER C 215 3.54 -2.55 -32.12
C SER C 215 3.43 -3.77 -31.21
N ALA C 216 2.50 -4.65 -31.55
CA ALA C 216 2.31 -5.91 -30.86
C ALA C 216 2.67 -7.06 -31.78
N LYS C 217 3.03 -8.20 -31.19
CA LYS C 217 3.35 -9.38 -31.96
C LYS C 217 2.70 -10.60 -31.31
N LEU C 218 2.43 -11.61 -32.13
CA LEU C 218 1.85 -12.86 -31.67
C LEU C 218 2.88 -13.96 -31.81
N TRP C 219 3.28 -14.54 -30.68
CA TRP C 219 4.29 -15.58 -30.63
C TRP C 219 3.64 -16.92 -30.35
N ASP C 220 4.26 -17.98 -30.86
CA ASP C 220 3.86 -19.35 -30.57
C ASP C 220 4.86 -19.96 -29.59
N VAL C 221 4.35 -20.58 -28.53
CA VAL C 221 5.23 -21.09 -27.50
C VAL C 221 6.00 -22.31 -28.00
N ARG C 222 5.35 -23.17 -28.80
CA ARG C 222 5.96 -24.44 -29.17
C ARG C 222 7.07 -24.26 -30.20
N GLU C 223 6.72 -23.78 -31.39
CA GLU C 223 7.72 -23.62 -32.44
C GLU C 223 8.60 -22.40 -32.21
N GLY C 224 8.05 -21.36 -31.59
CA GLY C 224 8.84 -20.18 -31.29
C GLY C 224 9.03 -19.22 -32.44
N MET C 225 8.11 -19.20 -33.40
CA MET C 225 8.19 -18.32 -34.54
C MET C 225 7.00 -17.36 -34.53
N CYS C 226 7.27 -16.10 -34.85
CA CYS C 226 6.20 -15.11 -34.91
C CYS C 226 5.21 -15.45 -36.01
N ARG C 227 3.93 -15.24 -35.73
CA ARG C 227 2.87 -15.53 -36.69
C ARG C 227 2.18 -14.28 -37.22
N GLN C 228 1.98 -13.26 -36.39
CA GLN C 228 1.36 -12.02 -36.82
C GLN C 228 1.98 -10.84 -36.08
N THR C 229 1.92 -9.67 -36.72
CA THR C 229 2.35 -8.42 -36.12
C THR C 229 1.28 -7.38 -36.36
N PHE C 230 0.93 -6.63 -35.32
CA PHE C 230 -0.16 -5.67 -35.34
C PHE C 230 0.39 -4.29 -35.03
N THR C 231 0.08 -3.32 -35.87
CA THR C 231 0.52 -1.94 -35.64
C THR C 231 -0.66 -1.00 -35.90
N GLY C 232 -1.15 -0.39 -34.83
CA GLY C 232 -2.17 0.63 -34.93
C GLY C 232 -2.00 1.72 -33.89
N HIS C 233 -0.89 1.67 -33.17
CA HIS C 233 -0.64 2.57 -32.06
C HIS C 233 0.38 3.63 -32.44
N GLU C 234 0.29 4.78 -31.78
CA GLU C 234 1.21 5.88 -32.01
C GLU C 234 2.30 5.99 -30.95
N SER C 235 2.23 5.21 -29.87
CA SER C 235 3.25 5.24 -28.83
C SER C 235 3.35 3.85 -28.22
N ASP C 236 4.15 3.75 -27.16
CA ASP C 236 4.45 2.45 -26.54
C ASP C 236 3.20 1.83 -25.94
N ILE C 237 3.08 0.51 -26.10
CA ILE C 237 1.97 -0.25 -25.53
C ILE C 237 2.34 -0.60 -24.11
N ASN C 238 1.70 0.07 -23.14
CA ASN C 238 2.07 -0.11 -21.75
C ASN C 238 1.43 -1.32 -21.11
N ALA C 239 0.47 -1.96 -21.79
CA ALA C 239 -0.16 -3.16 -21.25
C ALA C 239 -0.95 -3.85 -22.35
N ILE C 240 -1.24 -5.12 -22.12
CA ILE C 240 -2.01 -5.90 -23.08
C ILE C 240 -2.82 -6.94 -22.31
N CYS C 241 -4.04 -7.19 -22.79
CA CYS C 241 -4.88 -8.25 -22.25
C CYS C 241 -5.50 -9.00 -23.42
N PHE C 242 -5.89 -10.23 -23.17
CA PHE C 242 -6.27 -11.14 -24.24
C PHE C 242 -7.73 -11.52 -24.10
N PHE C 243 -8.45 -11.56 -25.21
CA PHE C 243 -9.88 -11.83 -25.18
C PHE C 243 -10.16 -13.25 -24.70
N PRO C 244 -11.23 -13.46 -23.92
CA PRO C 244 -11.51 -14.81 -23.42
C PRO C 244 -11.73 -15.85 -24.51
N ASN C 245 -12.20 -15.44 -25.69
CA ASN C 245 -12.51 -16.39 -26.74
C ASN C 245 -11.27 -17.14 -27.20
N GLY C 246 -10.15 -16.45 -27.34
CA GLY C 246 -8.95 -17.04 -27.88
C GLY C 246 -8.62 -16.62 -29.29
N ASN C 247 -9.38 -15.70 -29.87
CA ASN C 247 -9.16 -15.25 -31.25
C ASN C 247 -8.98 -13.74 -31.33
N ALA C 248 -8.81 -13.07 -30.19
CA ALA C 248 -8.70 -11.62 -30.17
C ALA C 248 -7.99 -11.20 -28.90
N PHE C 249 -7.67 -9.91 -28.81
CA PHE C 249 -7.07 -9.35 -27.62
C PHE C 249 -7.21 -7.83 -27.65
N ALA C 250 -6.79 -7.20 -26.57
CA ALA C 250 -6.88 -5.75 -26.46
C ALA C 250 -5.60 -5.18 -25.89
N THR C 251 -5.18 -4.04 -26.43
CA THR C 251 -3.92 -3.41 -26.07
C THR C 251 -4.18 -1.99 -25.60
N GLY C 252 -3.36 -1.53 -24.65
CA GLY C 252 -3.46 -0.17 -24.16
C GLY C 252 -2.14 0.56 -24.25
N SER C 253 -2.12 1.69 -24.93
CA SER C 253 -0.90 2.45 -25.17
C SER C 253 -0.89 3.69 -24.29
N ASP C 254 0.17 4.49 -24.46
CA ASP C 254 0.23 5.81 -23.85
C ASP C 254 -0.44 6.86 -24.73
N ASP C 255 -1.05 6.44 -25.84
CA ASP C 255 -1.84 7.28 -26.72
C ASP C 255 -3.18 7.67 -26.12
N ALA C 256 -3.43 7.31 -24.85
CA ALA C 256 -4.73 7.45 -24.21
C ALA C 256 -5.81 6.68 -24.98
N THR C 257 -5.41 5.63 -25.69
CA THR C 257 -6.33 4.87 -26.53
C THR C 257 -6.09 3.38 -26.31
N CYS C 258 -7.18 2.62 -26.24
CA CYS C 258 -7.13 1.18 -26.33
C CYS C 258 -7.43 0.75 -27.75
N ARG C 259 -7.03 -0.47 -28.10
CA ARG C 259 -7.34 -0.99 -29.42
C ARG C 259 -7.60 -2.48 -29.34
N LEU C 260 -8.65 -2.93 -30.01
CA LEU C 260 -9.07 -4.33 -29.99
C LEU C 260 -8.61 -4.99 -31.29
N PHE C 261 -7.71 -5.95 -31.17
CA PHE C 261 -7.15 -6.65 -32.33
C PHE C 261 -7.74 -8.06 -32.37
N ASP C 262 -7.69 -8.69 -33.54
CA ASP C 262 -8.17 -10.06 -33.68
C ASP C 262 -7.09 -10.94 -34.31
N LEU C 263 -7.28 -12.25 -34.19
CA LEU C 263 -6.28 -13.21 -34.60
C LEU C 263 -6.47 -13.69 -36.04
N ARG C 264 -7.69 -14.12 -36.38
CA ARG C 264 -7.90 -14.75 -37.68
C ARG C 264 -7.87 -13.72 -38.81
N ALA C 265 -8.59 -12.61 -38.65
CA ALA C 265 -8.65 -11.62 -39.72
C ALA C 265 -7.43 -10.72 -39.77
N ASP C 266 -6.63 -10.69 -38.70
CA ASP C 266 -5.35 -9.98 -38.69
C ASP C 266 -5.55 -8.50 -38.98
N GLN C 267 -6.33 -7.81 -38.14
CA GLN C 267 -6.60 -6.39 -38.35
C GLN C 267 -7.24 -5.82 -37.09
N GLU C 268 -7.02 -4.53 -36.87
CA GLU C 268 -7.66 -3.84 -35.75
C GLU C 268 -9.15 -3.73 -35.96
N LEU C 269 -9.92 -3.96 -34.89
CA LEU C 269 -11.37 -3.88 -34.95
C LEU C 269 -11.91 -2.54 -34.44
N MET C 270 -11.60 -2.16 -33.21
CA MET C 270 -12.04 -0.88 -32.70
C MET C 270 -10.90 -0.18 -31.96
N THR C 271 -11.11 1.12 -31.75
CA THR C 271 -10.26 1.96 -30.94
C THR C 271 -11.11 2.66 -29.89
N TYR C 272 -10.67 2.61 -28.65
CA TYR C 272 -11.37 3.23 -27.53
C TYR C 272 -10.63 4.49 -27.12
N SER C 273 -11.33 5.63 -27.17
CA SER C 273 -10.72 6.90 -26.83
C SER C 273 -11.82 7.90 -26.54
N HIS C 274 -11.50 8.88 -25.71
CA HIS C 274 -12.40 9.99 -25.43
C HIS C 274 -11.60 11.28 -25.44
N ASP C 275 -12.27 12.36 -25.86
CA ASP C 275 -11.58 13.65 -25.95
C ASP C 275 -11.13 14.14 -24.57
N ASN C 276 -11.90 13.83 -23.53
CA ASN C 276 -11.60 14.35 -22.20
C ASN C 276 -10.38 13.67 -21.58
N ILE C 277 -10.12 12.41 -21.94
CA ILE C 277 -8.96 11.70 -21.39
C ILE C 277 -7.77 11.85 -22.33
N ILE C 278 -6.62 12.15 -21.74
CA ILE C 278 -5.37 12.29 -22.50
C ILE C 278 -4.30 11.41 -21.88
N CYS C 279 -4.54 10.95 -20.65
CA CYS C 279 -3.54 10.20 -19.92
C CYS C 279 -3.34 8.81 -20.53
N GLY C 280 -2.14 8.27 -20.32
CA GLY C 280 -1.84 6.96 -20.83
C GLY C 280 -2.55 5.85 -20.08
N ILE C 281 -2.60 4.68 -20.72
CA ILE C 281 -3.27 3.51 -20.16
C ILE C 281 -2.21 2.59 -19.58
N THR C 282 -2.40 2.19 -18.33
CA THR C 282 -1.42 1.40 -17.60
C THR C 282 -1.67 -0.09 -17.70
N SER C 283 -2.94 -0.50 -17.70
CA SER C 283 -3.29 -1.90 -17.58
C SER C 283 -4.73 -2.08 -18.05
N VAL C 284 -4.95 -3.10 -18.87
CA VAL C 284 -6.26 -3.38 -19.42
C VAL C 284 -6.65 -4.80 -19.05
N SER C 285 -7.96 -5.04 -18.98
CA SER C 285 -8.46 -6.38 -18.68
C SER C 285 -9.88 -6.49 -19.21
N PHE C 286 -10.29 -7.72 -19.48
CA PHE C 286 -11.62 -8.03 -19.98
C PHE C 286 -12.50 -8.46 -18.82
N SER C 287 -13.70 -8.93 -19.16
CA SER C 287 -14.59 -9.57 -18.21
C SER C 287 -14.68 -11.05 -18.55
N LYS C 288 -15.42 -11.79 -17.72
CA LYS C 288 -15.56 -13.22 -17.97
C LYS C 288 -16.29 -13.48 -19.28
N SER C 289 -17.38 -12.74 -19.53
CA SER C 289 -18.11 -12.91 -20.78
C SER C 289 -17.40 -12.27 -21.96
N GLY C 290 -16.80 -11.10 -21.75
CA GLY C 290 -16.21 -10.34 -22.83
C GLY C 290 -17.05 -9.18 -23.30
N ARG C 291 -18.20 -8.93 -22.68
CA ARG C 291 -19.02 -7.79 -23.06
C ARG C 291 -18.42 -6.49 -22.55
N LEU C 292 -17.76 -6.54 -21.41
CA LEU C 292 -17.23 -5.34 -20.79
C LEU C 292 -15.70 -5.40 -20.80
N LEU C 293 -15.08 -4.23 -20.91
CA LEU C 293 -13.62 -4.12 -20.92
C LEU C 293 -13.21 -3.06 -19.90
N LEU C 294 -12.59 -3.50 -18.81
CA LEU C 294 -12.03 -2.58 -17.86
C LEU C 294 -10.82 -1.86 -18.47
N ALA C 295 -10.39 -0.80 -17.82
CA ALA C 295 -9.17 -0.13 -18.19
C ALA C 295 -8.64 0.64 -16.98
N GLY C 296 -7.37 1.00 -17.04
CA GLY C 296 -6.77 1.76 -15.96
C GLY C 296 -5.93 2.89 -16.50
N TYR C 297 -6.14 4.10 -16.01
CA TYR C 297 -5.54 5.29 -16.58
C TYR C 297 -4.62 5.95 -15.57
N ASP C 298 -3.76 6.83 -16.08
CA ASP C 298 -2.86 7.61 -15.23
C ASP C 298 -3.59 8.67 -14.43
N ASP C 299 -4.86 8.93 -14.73
CA ASP C 299 -5.55 10.08 -14.14
C ASP C 299 -6.17 9.69 -12.81
N PHE C 300 -5.58 8.70 -12.15
CA PHE C 300 -5.86 8.34 -10.75
C PHE C 300 -7.18 7.60 -10.61
N ASN C 301 -7.71 7.05 -11.70
CA ASN C 301 -8.98 6.35 -11.66
C ASN C 301 -8.99 5.29 -12.75
N CYS C 302 -10.16 4.73 -13.02
CA CYS C 302 -10.33 3.75 -14.09
C CYS C 302 -11.56 4.11 -14.91
N ASN C 303 -11.51 3.80 -16.21
CA ASN C 303 -12.61 4.06 -17.13
C ASN C 303 -13.08 2.74 -17.70
N VAL C 304 -14.38 2.47 -17.58
CA VAL C 304 -14.97 1.24 -18.06
C VAL C 304 -15.48 1.46 -19.48
N TRP C 305 -15.03 0.63 -20.41
CA TRP C 305 -15.38 0.75 -21.81
C TRP C 305 -16.12 -0.50 -22.27
N ASP C 306 -17.26 -0.31 -22.91
CA ASP C 306 -17.99 -1.43 -23.48
C ASP C 306 -17.16 -2.02 -24.62
N ALA C 307 -17.12 -3.35 -24.70
CA ALA C 307 -16.31 -4.01 -25.71
C ALA C 307 -16.94 -3.96 -27.08
N LEU C 308 -18.21 -3.56 -27.19
CA LEU C 308 -18.91 -3.51 -28.47
C LEU C 308 -19.51 -2.15 -28.79
N LYS C 309 -19.36 -1.16 -27.91
CA LYS C 309 -19.88 0.18 -28.15
C LYS C 309 -18.86 1.28 -27.99
N ALA C 310 -17.72 1.02 -27.36
CA ALA C 310 -16.65 2.01 -27.19
C ALA C 310 -17.15 3.26 -26.47
N ASP C 311 -18.16 3.11 -25.63
CA ASP C 311 -18.72 4.22 -24.86
C ASP C 311 -18.35 4.04 -23.41
N ARG C 312 -17.87 5.12 -22.78
CA ARG C 312 -17.46 5.07 -21.39
C ARG C 312 -18.65 4.69 -20.51
N ALA C 313 -18.63 3.48 -19.97
CA ALA C 313 -19.76 2.94 -19.23
C ALA C 313 -19.70 3.23 -17.73
N GLY C 314 -18.62 3.82 -17.25
CA GLY C 314 -18.54 4.16 -15.84
C GLY C 314 -17.12 4.53 -15.47
N VAL C 315 -16.99 5.06 -14.26
CA VAL C 315 -15.69 5.45 -13.71
C VAL C 315 -15.51 4.77 -12.37
N LEU C 316 -14.28 4.30 -12.13
CA LEU C 316 -13.89 3.72 -10.85
C LEU C 316 -12.84 4.67 -10.27
N ALA C 317 -13.33 5.70 -9.58
CA ALA C 317 -12.46 6.76 -9.04
C ALA C 317 -12.30 6.55 -7.54
N GLY C 318 -11.44 5.60 -7.19
CA GLY C 318 -11.21 5.32 -5.78
C GLY C 318 -9.77 5.48 -5.36
N HIS C 319 -8.86 5.52 -6.32
CA HIS C 319 -7.45 5.53 -6.02
C HIS C 319 -6.91 6.95 -5.92
N ASP C 320 -5.89 7.13 -5.09
CA ASP C 320 -5.23 8.41 -4.93
C ASP C 320 -4.14 8.65 -5.96
N ASN C 321 -3.40 7.61 -6.32
CA ASN C 321 -2.38 7.71 -7.36
C ASN C 321 -2.73 6.78 -8.52
N ARG C 322 -1.87 6.78 -9.53
CA ARG C 322 -2.20 6.10 -10.78
C ARG C 322 -2.38 4.61 -10.55
N VAL C 323 -3.37 4.05 -11.22
CA VAL C 323 -3.61 2.61 -11.13
C VAL C 323 -2.54 1.89 -11.94
N SER C 324 -1.88 0.93 -11.29
CA SER C 324 -0.77 0.21 -11.90
C SER C 324 -1.19 -1.11 -12.54
N CYS C 325 -1.83 -1.98 -11.77
CA CYS C 325 -2.25 -3.26 -12.32
C CYS C 325 -3.75 -3.44 -12.12
N LEU C 326 -4.34 -4.24 -12.99
CA LEU C 326 -5.78 -4.41 -13.09
C LEU C 326 -6.06 -5.87 -13.35
N GLY C 327 -6.76 -6.53 -12.45
CA GLY C 327 -7.03 -7.95 -12.58
C GLY C 327 -8.51 -8.25 -12.43
N VAL C 328 -8.94 -9.31 -13.10
CA VAL C 328 -10.30 -9.80 -13.01
C VAL C 328 -10.22 -11.28 -12.64
N THR C 329 -11.01 -11.69 -11.64
CA THR C 329 -10.92 -13.04 -11.13
C THR C 329 -11.30 -14.05 -12.21
N ASP C 330 -10.96 -15.31 -11.95
CA ASP C 330 -11.27 -16.37 -12.91
C ASP C 330 -12.77 -16.52 -13.09
N ASP C 331 -13.54 -16.41 -12.01
CA ASP C 331 -14.99 -16.50 -12.11
C ASP C 331 -15.65 -15.19 -12.46
N GLY C 332 -14.90 -14.10 -12.54
CA GLY C 332 -15.45 -12.82 -12.91
C GLY C 332 -16.25 -12.12 -11.84
N MET C 333 -16.08 -12.50 -10.57
CA MET C 333 -16.91 -11.94 -9.52
C MET C 333 -16.47 -10.53 -9.13
N ALA C 334 -15.17 -10.23 -9.22
CA ALA C 334 -14.67 -8.94 -8.76
C ALA C 334 -13.49 -8.51 -9.62
N VAL C 335 -13.10 -7.25 -9.48
CA VAL C 335 -11.94 -6.70 -10.17
C VAL C 335 -11.04 -6.03 -9.14
N ALA C 336 -9.75 -6.34 -9.20
CA ALA C 336 -8.78 -5.79 -8.26
C ALA C 336 -7.91 -4.77 -8.96
N THR C 337 -7.86 -3.56 -8.42
CA THR C 337 -7.05 -2.50 -8.99
C THR C 337 -5.96 -2.15 -7.98
N GLY C 338 -4.70 -2.26 -8.40
CA GLY C 338 -3.57 -1.89 -7.57
C GLY C 338 -2.91 -0.64 -8.12
N SER C 339 -2.78 0.35 -7.25
CA SER C 339 -2.29 1.67 -7.64
C SER C 339 -1.08 2.01 -6.80
N TRP C 340 -0.45 3.14 -7.13
CA TRP C 340 0.74 3.59 -6.42
C TRP C 340 0.43 4.21 -5.07
N ASP C 341 -0.83 4.20 -4.65
CA ASP C 341 -1.20 4.64 -3.31
C ASP C 341 -0.90 3.59 -2.26
N SER C 342 -0.41 2.42 -2.68
CA SER C 342 -0.03 1.27 -1.87
C SER C 342 -1.21 0.46 -1.37
N PHE C 343 -2.44 0.90 -1.62
CA PHE C 343 -3.62 0.10 -1.34
C PHE C 343 -4.18 -0.39 -2.66
N LEU C 344 -4.47 -1.68 -2.74
CA LEU C 344 -5.15 -2.23 -3.89
C LEU C 344 -6.56 -2.61 -3.46
N LYS C 345 -7.53 -2.23 -4.28
CA LYS C 345 -8.93 -2.30 -3.89
C LYS C 345 -9.66 -3.35 -4.73
N ILE C 346 -10.69 -3.93 -4.14
CA ILE C 346 -11.58 -4.87 -4.81
C ILE C 346 -12.87 -4.14 -5.13
N TRP C 347 -13.31 -4.24 -6.38
CA TRP C 347 -14.54 -3.61 -6.83
C TRP C 347 -15.48 -4.70 -7.33
N ASN C 348 -16.76 -4.48 -7.10
CA ASN C 348 -17.77 -5.44 -7.52
C ASN C 348 -19.10 -4.71 -7.65
N GLN D 11 20.63 -9.16 -42.00
CA GLN D 11 19.42 -8.62 -41.39
C GLN D 11 18.28 -8.54 -42.41
N ALA D 12 18.62 -8.12 -43.63
CA ALA D 12 17.61 -8.03 -44.68
C ALA D 12 17.06 -9.39 -45.05
N ARG D 13 17.92 -10.42 -45.08
CA ARG D 13 17.48 -11.76 -45.44
C ARG D 13 16.47 -12.29 -44.44
N LYS D 14 16.71 -12.10 -43.14
CA LYS D 14 15.77 -12.56 -42.13
C LYS D 14 14.44 -11.83 -42.26
N LEU D 15 14.48 -10.52 -42.49
CA LEU D 15 13.24 -9.75 -42.63
C LEU D 15 12.43 -10.21 -43.84
N VAL D 16 13.10 -10.40 -44.99
CA VAL D 16 12.38 -10.80 -46.18
C VAL D 16 11.84 -12.23 -46.03
N GLU D 17 12.59 -13.10 -45.36
CA GLU D 17 12.10 -14.45 -45.11
C GLU D 17 10.87 -14.42 -44.21
N GLN D 18 10.89 -13.59 -43.17
CA GLN D 18 9.72 -13.50 -42.30
C GLN D 18 8.52 -12.92 -43.04
N LEU D 19 8.74 -11.91 -43.88
CA LEU D 19 7.64 -11.35 -44.66
C LEU D 19 7.06 -12.38 -45.63
N LYS D 20 7.92 -13.17 -46.27
CA LYS D 20 7.44 -14.21 -47.16
C LYS D 20 6.66 -15.27 -46.40
N MET D 21 7.13 -15.64 -45.20
CA MET D 21 6.41 -16.61 -44.39
C MET D 21 5.05 -16.08 -43.96
N GLU D 22 4.98 -14.80 -43.58
CA GLU D 22 3.71 -14.22 -43.14
C GLU D 22 2.77 -13.93 -44.31
N ALA D 23 3.30 -13.82 -45.52
CA ALA D 23 2.44 -13.54 -46.68
C ALA D 23 1.47 -14.68 -46.94
N ASN D 24 1.94 -15.93 -46.86
CA ASN D 24 1.11 -17.10 -47.11
C ASN D 24 0.41 -17.47 -45.81
N ILE D 25 -0.83 -17.02 -45.65
CA ILE D 25 -1.59 -17.29 -44.44
C ILE D 25 -3.07 -17.28 -44.79
N ASP D 26 -3.82 -18.22 -44.22
CA ASP D 26 -5.27 -18.22 -44.37
C ASP D 26 -5.86 -17.04 -43.64
N ARG D 27 -6.85 -16.39 -44.26
CA ARG D 27 -7.49 -15.22 -43.68
C ARG D 27 -9.00 -15.38 -43.76
N ILE D 28 -9.69 -14.68 -42.86
CA ILE D 28 -11.13 -14.73 -42.73
C ILE D 28 -11.67 -13.31 -42.79
N LYS D 29 -12.82 -13.15 -43.46
CA LYS D 29 -13.41 -11.83 -43.61
C LYS D 29 -13.74 -11.23 -42.24
N VAL D 30 -13.58 -9.91 -42.14
CA VAL D 30 -13.80 -9.22 -40.87
C VAL D 30 -15.23 -9.40 -40.39
N SER D 31 -16.18 -9.51 -41.32
CA SER D 31 -17.58 -9.71 -40.92
C SER D 31 -17.77 -11.01 -40.17
N LYS D 32 -17.14 -12.09 -40.65
CA LYS D 32 -17.29 -13.39 -39.97
C LYS D 32 -16.65 -13.37 -38.59
N ALA D 33 -15.46 -12.78 -38.48
CA ALA D 33 -14.82 -12.67 -37.16
C ALA D 33 -15.64 -11.82 -36.22
N ALA D 34 -16.20 -10.72 -36.72
CA ALA D 34 -17.06 -9.88 -35.90
C ALA D 34 -18.30 -10.64 -35.43
N ALA D 35 -18.91 -11.41 -36.33
CA ALA D 35 -20.07 -12.21 -35.96
C ALA D 35 -19.71 -13.25 -34.90
N ASP D 36 -18.56 -13.91 -35.06
CA ASP D 36 -18.12 -14.88 -34.07
C ASP D 36 -17.89 -14.23 -32.71
N LEU D 37 -17.25 -13.05 -32.71
CA LEU D 37 -17.04 -12.33 -31.45
C LEU D 37 -18.37 -11.97 -30.80
N MET D 38 -19.33 -11.47 -31.59
CA MET D 38 -20.62 -11.11 -31.03
C MET D 38 -21.36 -12.33 -30.50
N ALA D 39 -21.29 -13.45 -31.22
CA ALA D 39 -21.96 -14.66 -30.78
C ALA D 39 -21.37 -15.19 -29.48
N TYR D 40 -20.04 -15.20 -29.38
CA TYR D 40 -19.41 -15.60 -28.12
C TYR D 40 -19.77 -14.64 -27.00
N CYS D 41 -19.82 -13.35 -27.31
CA CYS D 41 -20.15 -12.35 -26.30
C CYS D 41 -21.56 -12.55 -25.76
N GLU D 42 -22.53 -12.83 -26.64
CA GLU D 42 -23.92 -12.95 -26.23
C GLU D 42 -24.25 -14.33 -25.66
N ALA D 43 -23.51 -15.37 -26.04
CA ALA D 43 -23.79 -16.70 -25.55
C ALA D 43 -23.37 -16.90 -24.10
N HIS D 44 -22.48 -16.05 -23.59
CA HIS D 44 -21.98 -16.16 -22.23
C HIS D 44 -22.32 -14.92 -21.40
N ALA D 45 -23.37 -14.19 -21.78
CA ALA D 45 -23.74 -13.00 -21.04
C ALA D 45 -24.37 -13.32 -19.68
N LYS D 46 -24.90 -14.53 -19.51
CA LYS D 46 -25.54 -14.91 -18.25
C LYS D 46 -24.53 -15.34 -17.19
N GLU D 47 -23.29 -15.62 -17.57
CA GLU D 47 -22.27 -16.08 -16.64
C GLU D 47 -21.35 -14.97 -16.14
N ASP D 48 -21.66 -13.72 -16.43
CA ASP D 48 -20.77 -12.63 -16.09
C ASP D 48 -21.32 -11.88 -14.88
N PRO D 49 -20.69 -11.98 -13.71
CA PRO D 49 -21.22 -11.27 -12.53
C PRO D 49 -20.83 -9.81 -12.48
N LEU D 50 -20.06 -9.32 -13.46
CA LEU D 50 -19.80 -7.89 -13.52
C LEU D 50 -20.84 -7.15 -14.36
N LEU D 51 -21.16 -7.70 -15.53
CA LEU D 51 -22.20 -7.09 -16.36
C LEU D 51 -23.57 -7.20 -15.71
N THR D 52 -23.94 -8.41 -15.29
CA THR D 52 -25.18 -8.61 -14.56
C THR D 52 -24.91 -8.63 -13.07
N PRO D 53 -25.41 -7.65 -12.32
CA PRO D 53 -25.06 -7.56 -10.89
C PRO D 53 -25.48 -8.82 -10.13
N VAL D 54 -24.67 -9.17 -9.14
CA VAL D 54 -24.92 -10.37 -8.34
C VAL D 54 -25.61 -9.96 -7.04
N PRO D 55 -26.50 -10.80 -6.50
CA PRO D 55 -27.18 -10.44 -5.25
C PRO D 55 -26.19 -10.28 -4.11
N ALA D 56 -26.50 -9.36 -3.20
CA ALA D 56 -25.63 -9.12 -2.05
C ALA D 56 -25.53 -10.35 -1.17
N SER D 57 -26.61 -11.13 -1.07
CA SER D 57 -26.56 -12.37 -0.31
C SER D 57 -25.61 -13.37 -0.94
N GLU D 58 -25.63 -13.49 -2.27
CA GLU D 58 -24.75 -14.43 -2.96
C GLU D 58 -23.38 -13.84 -3.25
N ASN D 59 -23.16 -12.57 -2.95
CA ASN D 59 -21.89 -11.91 -3.27
C ASN D 59 -20.85 -12.31 -2.23
N PRO D 60 -19.77 -13.00 -2.63
CA PRO D 60 -18.73 -13.35 -1.64
C PRO D 60 -18.06 -12.16 -1.01
N PHE D 61 -17.91 -11.06 -1.74
CA PHE D 61 -17.26 -9.87 -1.19
C PHE D 61 -18.31 -8.95 -0.54
N VAL E 5 11.94 -33.19 9.30
CA VAL E 5 11.60 -32.51 10.54
C VAL E 5 11.55 -33.51 11.69
N GLN E 6 11.96 -33.05 12.88
CA GLN E 6 11.97 -33.89 14.06
C GLN E 6 11.45 -33.11 15.25
N LEU E 7 10.65 -33.77 16.09
CA LEU E 7 10.21 -33.25 17.37
C LEU E 7 10.56 -34.27 18.43
N VAL E 8 11.40 -33.87 19.39
CA VAL E 8 11.84 -34.77 20.45
C VAL E 8 11.52 -34.12 21.80
N GLU E 9 10.81 -34.85 22.65
CA GLU E 9 10.36 -34.33 23.92
C GLU E 9 10.98 -35.12 25.06
N SER E 10 11.43 -34.41 26.09
CA SER E 10 12.08 -35.00 27.24
C SER E 10 11.37 -34.56 28.52
N GLY E 11 11.19 -35.49 29.43
CA GLY E 11 10.48 -35.29 30.67
C GLY E 11 9.79 -36.58 31.08
N GLY E 12 8.84 -36.46 31.99
CA GLY E 12 8.09 -37.60 32.44
C GLY E 12 8.87 -38.46 33.43
N GLY E 13 8.29 -39.62 33.71
CA GLY E 13 8.85 -40.55 34.67
C GLY E 13 7.90 -40.80 35.83
N LEU E 14 8.33 -41.67 36.73
CA LEU E 14 7.54 -41.99 37.91
C LEU E 14 7.58 -40.82 38.88
N VAL E 15 6.43 -40.17 39.08
CA VAL E 15 6.32 -39.00 39.94
C VAL E 15 5.18 -39.24 40.91
N GLN E 16 5.42 -38.94 42.19
CA GLN E 16 4.36 -39.05 43.19
C GLN E 16 3.29 -38.00 42.93
N PRO E 17 2.01 -38.32 43.22
CA PRO E 17 0.94 -37.38 42.96
C PRO E 17 1.12 -36.09 43.78
N GLY E 18 0.73 -34.97 43.17
CA GLY E 18 0.91 -33.68 43.77
C GLY E 18 2.23 -33.00 43.45
N GLY E 19 3.16 -33.70 42.79
CA GLY E 19 4.45 -33.13 42.48
C GLY E 19 4.41 -32.21 41.27
N SER E 20 5.57 -31.62 40.99
CA SER E 20 5.74 -30.70 39.87
C SER E 20 6.69 -31.33 38.85
N ARG E 21 6.39 -31.15 37.57
CA ARG E 21 7.20 -31.71 36.51
C ARG E 21 7.24 -30.75 35.33
N LYS E 22 8.31 -30.84 34.54
CA LYS E 22 8.46 -30.04 33.33
C LYS E 22 8.81 -30.94 32.16
N LEU E 23 8.16 -30.71 31.02
CA LEU E 23 8.45 -31.41 29.78
C LEU E 23 8.95 -30.38 28.76
N SER E 24 10.04 -30.69 28.09
CA SER E 24 10.63 -29.78 27.12
C SER E 24 10.72 -30.49 25.77
N CYS E 25 10.18 -29.85 24.73
CA CYS E 25 10.18 -30.40 23.38
C CYS E 25 11.03 -29.53 22.48
N SER E 26 11.95 -30.16 21.76
CA SER E 26 12.85 -29.48 20.83
C SER E 26 12.50 -29.88 19.41
N ALA E 27 12.48 -28.88 18.52
CA ALA E 27 12.07 -29.04 17.14
C ALA E 27 13.23 -28.74 16.22
N SER E 28 13.35 -29.51 15.15
CA SER E 28 14.38 -29.31 14.14
C SER E 28 13.79 -29.54 12.76
N GLY E 29 14.36 -28.86 11.77
CA GLY E 29 13.94 -29.02 10.39
C GLY E 29 12.83 -28.10 9.94
N PHE E 30 12.36 -27.18 10.78
CA PHE E 30 11.34 -26.24 10.37
C PHE E 30 11.43 -24.97 11.19
N ALA E 31 10.77 -23.92 10.70
CA ALA E 31 10.73 -22.64 11.39
C ALA E 31 9.74 -22.74 12.54
N PHE E 32 10.25 -22.70 13.76
CA PHE E 32 9.40 -22.91 14.92
C PHE E 32 8.55 -21.69 15.25
N SER E 33 9.02 -20.50 14.90
CA SER E 33 8.25 -19.29 15.21
C SER E 33 6.92 -19.28 14.47
N SER E 34 6.91 -19.74 13.23
CA SER E 34 5.69 -19.70 12.42
C SER E 34 4.63 -20.64 12.96
N PHE E 35 4.99 -21.89 13.22
CA PHE E 35 4.02 -22.91 13.60
C PHE E 35 3.44 -22.62 14.98
N GLY E 36 2.20 -23.05 15.18
CA GLY E 36 1.58 -23.11 16.48
C GLY E 36 1.68 -24.52 17.01
N MET E 37 1.65 -24.68 18.32
CA MET E 37 1.97 -25.97 18.92
C MET E 37 0.84 -26.44 19.84
N HIS E 38 0.72 -27.76 19.93
CA HIS E 38 -0.30 -28.43 20.71
C HIS E 38 0.34 -29.50 21.58
N TRP E 39 -0.08 -29.57 22.84
CA TRP E 39 0.28 -30.66 23.74
C TRP E 39 -0.95 -31.54 23.88
N VAL E 40 -0.81 -32.83 23.53
CA VAL E 40 -1.92 -33.78 23.54
C VAL E 40 -1.48 -35.03 24.28
N ARG E 41 -2.32 -35.51 25.19
CA ARG E 41 -2.00 -36.68 26.00
C ARG E 41 -2.85 -37.85 25.54
N GLN E 42 -2.31 -39.06 25.66
CA GLN E 42 -3.05 -40.29 25.39
C GLN E 42 -2.81 -41.25 26.54
N ALA E 43 -3.88 -41.63 27.24
CA ALA E 43 -3.76 -42.59 28.31
C ALA E 43 -3.46 -43.98 27.74
N PRO E 44 -2.80 -44.84 28.53
CA PRO E 44 -2.49 -46.19 28.01
C PRO E 44 -3.71 -46.99 27.63
N GLU E 45 -4.84 -46.82 28.32
CA GLU E 45 -6.06 -47.54 28.02
C GLU E 45 -7.13 -46.68 27.38
N LYS E 46 -6.80 -45.45 27.00
CA LYS E 46 -7.76 -44.52 26.42
C LYS E 46 -7.16 -43.90 25.17
N GLY E 47 -8.01 -43.19 24.42
CA GLY E 47 -7.59 -42.56 23.20
C GLY E 47 -6.98 -41.18 23.43
N LEU E 48 -6.70 -40.51 22.32
CA LEU E 48 -6.10 -39.18 22.37
C LEU E 48 -7.07 -38.19 22.98
N GLU E 49 -6.52 -37.16 23.62
CA GLU E 49 -7.34 -36.08 24.17
C GLU E 49 -6.49 -34.83 24.33
N TRP E 50 -7.09 -33.69 24.01
CA TRP E 50 -6.37 -32.43 23.95
C TRP E 50 -6.00 -31.94 25.35
N VAL E 51 -4.85 -31.26 25.45
CA VAL E 51 -4.38 -30.75 26.73
C VAL E 51 -4.14 -29.24 26.66
N ALA E 52 -3.28 -28.80 25.77
CA ALA E 52 -2.94 -27.38 25.72
C ALA E 52 -2.58 -26.96 24.30
N TYR E 53 -2.68 -25.66 24.05
CA TYR E 53 -2.34 -25.10 22.74
C TYR E 53 -1.72 -23.73 22.93
N ILE E 54 -0.57 -23.52 22.27
CA ILE E 54 0.15 -22.26 22.27
C ILE E 54 0.21 -21.75 20.84
N SER E 55 -0.07 -20.46 20.65
CA SER E 55 -0.12 -19.88 19.32
C SER E 55 1.23 -19.26 18.97
N SER E 56 1.41 -19.01 17.67
CA SER E 56 2.61 -18.31 17.22
C SER E 56 2.66 -16.92 17.81
N GLY E 57 3.82 -16.57 18.38
CA GLY E 57 3.93 -15.34 19.14
C GLY E 57 3.37 -15.41 20.54
N SER E 58 2.85 -16.56 20.95
CA SER E 58 2.28 -16.76 22.28
C SER E 58 1.19 -15.75 22.60
N GLY E 59 0.54 -15.21 21.58
CA GLY E 59 -0.53 -14.26 21.81
C GLY E 59 -1.75 -14.87 22.47
N THR E 60 -2.09 -16.10 22.11
CA THR E 60 -3.28 -16.76 22.60
C THR E 60 -2.91 -18.13 23.14
N ILE E 61 -3.36 -18.45 24.36
CA ILE E 61 -3.03 -19.68 25.05
C ILE E 61 -4.33 -20.36 25.46
N TYR E 62 -4.50 -21.62 25.11
CA TYR E 62 -5.72 -22.37 25.41
C TYR E 62 -5.41 -23.64 26.19
N TYR E 63 -6.25 -23.93 27.19
CA TYR E 63 -6.11 -25.10 28.02
C TYR E 63 -7.42 -25.88 28.05
N ALA E 64 -7.32 -27.19 28.23
CA ALA E 64 -8.51 -28.01 28.37
C ALA E 64 -9.16 -27.76 29.72
N ASP E 65 -10.41 -28.23 29.84
CA ASP E 65 -11.15 -28.05 31.10
C ASP E 65 -10.49 -28.83 32.24
N THR E 66 -10.04 -30.05 31.98
CA THR E 66 -9.53 -30.90 33.04
C THR E 66 -8.20 -30.40 33.60
N VAL E 67 -7.35 -29.80 32.77
CA VAL E 67 -6.03 -29.37 33.20
C VAL E 67 -5.93 -27.87 33.37
N LYS E 68 -7.05 -27.16 33.31
CA LYS E 68 -7.02 -25.71 33.51
C LYS E 68 -6.71 -25.37 34.96
N GLY E 69 -5.78 -24.45 35.15
CA GLY E 69 -5.41 -23.98 36.47
C GLY E 69 -4.26 -24.70 37.12
N ARG E 70 -3.91 -25.90 36.65
CA ARG E 70 -2.77 -26.63 37.18
C ARG E 70 -1.75 -26.99 36.11
N PHE E 71 -1.92 -26.50 34.88
CA PHE E 71 -0.98 -26.74 33.79
C PHE E 71 -0.56 -25.40 33.22
N THR E 72 0.62 -25.38 32.59
CA THR E 72 1.10 -24.17 31.92
C THR E 72 1.89 -24.56 30.68
N ILE E 73 1.76 -23.77 29.62
CA ILE E 73 2.48 -24.00 28.38
C ILE E 73 3.15 -22.71 27.96
N SER E 74 4.38 -22.81 27.44
CA SER E 74 5.08 -21.66 26.92
C SER E 74 6.11 -22.14 25.90
N ARG E 75 6.67 -21.19 25.15
CA ARG E 75 7.58 -21.52 24.08
C ARG E 75 8.75 -20.54 24.08
N ASP E 76 9.89 -20.99 23.58
CA ASP E 76 11.06 -20.15 23.37
C ASP E 76 11.52 -20.35 21.93
N ASP E 77 11.24 -19.35 21.09
CA ASP E 77 11.63 -19.42 19.68
C ASP E 77 13.14 -19.45 19.48
N PRO E 78 13.95 -18.57 20.09
CA PRO E 78 15.40 -18.65 19.86
C PRO E 78 16.01 -19.99 20.23
N LYS E 79 15.51 -20.61 21.31
CA LYS E 79 15.96 -21.94 21.67
C LYS E 79 15.24 -23.03 20.90
N ASN E 80 14.16 -22.69 20.19
CA ASN E 80 13.36 -23.67 19.44
C ASN E 80 12.85 -24.76 20.38
N THR E 81 12.30 -24.35 21.51
CA THR E 81 11.86 -25.28 22.55
C THR E 81 10.46 -24.91 23.03
N LEU E 82 9.78 -25.91 23.58
CA LEU E 82 8.45 -25.75 24.15
C LEU E 82 8.43 -26.36 25.54
N PHE E 83 7.96 -25.58 26.52
CA PHE E 83 7.92 -26.02 27.91
C PHE E 83 6.48 -26.23 28.35
N LEU E 84 6.22 -27.39 28.96
CA LEU E 84 4.94 -27.68 29.61
C LEU E 84 5.21 -27.95 31.08
N GLN E 85 4.60 -27.16 31.95
CA GLN E 85 4.74 -27.31 33.39
C GLN E 85 3.48 -27.93 33.96
N MET E 86 3.65 -29.02 34.71
CA MET E 86 2.56 -29.78 35.29
C MET E 86 2.66 -29.70 36.81
N THR E 87 1.58 -29.26 37.45
CA THR E 87 1.54 -29.14 38.90
C THR E 87 0.36 -29.94 39.45
N SER E 88 0.60 -30.64 40.55
CA SER E 88 -0.41 -31.44 41.25
C SER E 88 -1.11 -32.42 40.30
N LEU E 89 -0.31 -33.31 39.73
CA LEU E 89 -0.86 -34.32 38.84
C LEU E 89 -1.67 -35.34 39.63
N ARG E 90 -2.55 -36.04 38.93
CA ARG E 90 -3.46 -37.01 39.52
C ARG E 90 -3.00 -38.43 39.19
N SER E 91 -3.73 -39.41 39.73
CA SER E 91 -3.38 -40.80 39.51
C SER E 91 -3.69 -41.25 38.09
N GLU E 92 -4.69 -40.64 37.46
CA GLU E 92 -5.06 -40.96 36.09
C GLU E 92 -4.31 -40.10 35.08
N ASP E 93 -3.38 -39.26 35.54
CA ASP E 93 -2.59 -38.41 34.67
C ASP E 93 -1.46 -39.17 33.97
N THR E 94 -1.24 -40.44 34.31
CA THR E 94 -0.23 -41.25 33.67
C THR E 94 -0.61 -41.50 32.23
N ALA E 95 0.17 -40.96 31.29
CA ALA E 95 -0.16 -41.06 29.88
C ALA E 95 1.10 -40.80 29.06
N MET E 96 0.97 -40.90 27.74
CA MET E 96 2.03 -40.57 26.80
C MET E 96 1.70 -39.23 26.16
N TYR E 97 2.65 -38.31 26.15
CA TYR E 97 2.44 -36.95 25.72
C TYR E 97 3.07 -36.72 24.36
N TYR E 98 2.33 -36.08 23.46
CA TYR E 98 2.76 -35.79 22.11
C TYR E 98 2.71 -34.28 21.87
N CYS E 99 3.69 -33.79 21.13
CA CYS E 99 3.73 -32.41 20.66
C CYS E 99 3.37 -32.40 19.18
N VAL E 100 2.40 -31.56 18.82
CA VAL E 100 1.85 -31.53 17.47
C VAL E 100 1.98 -30.12 16.93
N ARG E 101 2.43 -30.01 15.68
CA ARG E 101 2.58 -28.71 15.03
C ARG E 101 1.37 -28.44 14.15
N SER E 102 0.95 -27.19 14.09
CA SER E 102 -0.17 -26.80 13.25
C SER E 102 0.00 -25.35 12.81
N ILE E 103 -0.01 -25.14 11.49
CA ILE E 103 0.09 -23.80 10.92
C ILE E 103 -1.30 -23.40 10.44
N TYR E 104 -1.67 -22.15 10.69
CA TYR E 104 -3.06 -21.71 10.58
C TYR E 104 -3.14 -20.54 9.61
N TYR E 105 -3.26 -20.86 8.32
CA TYR E 105 -3.57 -19.88 7.29
C TYR E 105 -4.51 -20.56 6.29
N TYR E 106 -5.00 -19.78 5.32
CA TYR E 106 -5.95 -20.31 4.37
C TYR E 106 -5.32 -21.44 3.55
N GLY E 107 -5.96 -22.60 3.56
CA GLY E 107 -5.45 -23.74 2.84
C GLY E 107 -4.39 -24.54 3.54
N SER E 108 -4.01 -24.16 4.76
CA SER E 108 -2.98 -24.89 5.50
C SER E 108 -3.50 -26.24 5.96
N SER E 109 -2.58 -27.08 6.40
CA SER E 109 -2.91 -28.42 6.89
C SER E 109 -2.47 -28.54 8.34
N PRO E 110 -3.36 -28.26 9.30
CA PRO E 110 -2.97 -28.31 10.70
C PRO E 110 -2.73 -29.74 11.17
N PHE E 111 -1.96 -29.85 12.27
CA PHE E 111 -1.72 -31.11 12.94
C PHE E 111 -1.03 -32.12 12.03
N ASP E 112 -0.20 -31.63 11.11
CA ASP E 112 0.37 -32.51 10.10
C ASP E 112 1.48 -33.38 10.67
N PHE E 113 2.23 -32.88 11.64
CA PHE E 113 3.34 -33.62 12.23
C PHE E 113 3.14 -33.80 13.72
N TRP E 114 3.30 -35.04 14.19
CA TRP E 114 3.22 -35.38 15.60
C TRP E 114 4.59 -35.77 16.10
N GLY E 115 5.04 -35.12 17.18
CA GLY E 115 6.31 -35.47 17.77
C GLY E 115 6.25 -36.79 18.51
N GLN E 116 7.43 -37.35 18.77
CA GLN E 116 7.50 -38.58 19.54
C GLN E 116 7.10 -38.30 20.98
N GLY E 117 6.19 -39.12 21.50
CA GLY E 117 5.67 -38.89 22.83
C GLY E 117 6.59 -39.37 23.92
N THR E 118 6.37 -38.83 25.11
CA THR E 118 7.06 -39.26 26.32
C THR E 118 6.17 -40.24 27.07
N THR E 119 6.60 -40.61 28.27
CA THR E 119 5.80 -41.43 29.17
C THR E 119 5.83 -40.79 30.56
N LEU E 120 4.65 -40.62 31.16
CA LEU E 120 4.54 -40.05 32.49
C LEU E 120 3.64 -40.97 33.31
N THR E 121 4.24 -41.70 34.24
CA THR E 121 3.51 -42.65 35.08
C THR E 121 3.35 -42.05 36.48
N VAL E 122 2.15 -42.13 37.00
CA VAL E 122 1.84 -41.62 38.34
C VAL E 122 1.75 -42.80 39.30
N SER E 123 2.01 -42.53 40.58
CA SER E 123 1.97 -43.57 41.59
C SER E 123 0.69 -43.47 42.44
N SER E 139 -21.42 -27.08 25.87
CA SER E 139 -20.25 -27.74 26.44
C SER E 139 -19.35 -28.28 25.34
N ASP E 140 -18.57 -29.31 25.68
CA ASP E 140 -17.68 -29.91 24.69
C ASP E 140 -18.48 -30.66 23.62
N ILE E 141 -18.02 -30.56 22.38
CA ILE E 141 -18.66 -31.26 21.28
C ILE E 141 -18.34 -32.75 21.40
N VAL E 142 -19.36 -33.54 21.71
CA VAL E 142 -19.19 -34.97 21.91
C VAL E 142 -19.13 -35.66 20.55
N MET E 143 -18.04 -36.36 20.29
CA MET E 143 -17.83 -37.07 19.04
C MET E 143 -17.80 -38.56 19.31
N THR E 144 -18.50 -39.33 18.48
CA THR E 144 -18.65 -40.76 18.71
C THR E 144 -18.18 -41.54 17.49
N GLN E 145 -17.48 -42.65 17.75
CA GLN E 145 -17.15 -43.65 16.76
C GLN E 145 -17.87 -44.93 17.13
N ALA E 146 -18.83 -45.35 16.28
CA ALA E 146 -19.66 -46.50 16.61
C ALA E 146 -18.83 -47.78 16.70
N THR E 147 -17.90 -47.98 15.77
CA THR E 147 -17.12 -49.20 15.72
C THR E 147 -15.78 -49.00 16.43
N SER E 148 -15.44 -49.96 17.29
CA SER E 148 -14.17 -49.93 18.01
C SER E 148 -13.10 -50.78 17.33
N SER E 149 -13.39 -52.05 17.09
CA SER E 149 -12.47 -52.95 16.42
C SER E 149 -13.18 -53.60 15.24
N VAL E 150 -12.61 -53.46 14.04
CA VAL E 150 -13.17 -54.01 12.82
C VAL E 150 -12.15 -54.96 12.21
N PRO E 151 -12.46 -56.25 12.07
CA PRO E 151 -11.52 -57.19 11.45
C PRO E 151 -11.50 -57.00 9.93
N VAL E 152 -10.30 -56.85 9.38
CA VAL E 152 -10.14 -56.66 7.95
C VAL E 152 -8.83 -57.27 7.47
N PRO E 154 -6.84 -57.57 4.11
CA PRO E 154 -6.33 -56.67 3.07
C PRO E 154 -7.05 -56.85 1.73
N GLY E 155 -7.03 -55.80 0.90
CA GLY E 155 -7.72 -55.84 -0.37
C GLY E 155 -9.19 -55.52 -0.32
N GLU E 156 -9.72 -55.14 0.85
CA GLU E 156 -11.13 -54.85 1.02
C GLU E 156 -11.30 -53.39 1.46
N SER E 157 -12.22 -52.68 0.83
CA SER E 157 -12.51 -51.31 1.20
C SER E 157 -13.18 -51.26 2.58
N VAL E 158 -12.77 -50.30 3.40
CA VAL E 158 -13.25 -50.18 4.78
C VAL E 158 -13.76 -48.77 4.98
N SER E 159 -14.93 -48.65 5.61
CA SER E 159 -15.55 -47.36 5.90
C SER E 159 -15.66 -47.17 7.41
N ILE E 160 -15.21 -46.02 7.89
CA ILE E 160 -15.29 -45.65 9.30
C ILE E 160 -16.16 -44.40 9.43
N SER E 161 -17.19 -44.48 10.27
CA SER E 161 -18.16 -43.40 10.40
C SER E 161 -18.00 -42.72 11.75
N CYS E 162 -17.91 -41.39 11.73
CA CYS E 162 -17.77 -40.59 12.94
C CYS E 162 -18.93 -39.61 13.03
N ARG E 163 -19.55 -39.53 14.21
CA ARG E 163 -20.69 -38.65 14.44
C ARG E 163 -20.27 -37.51 15.36
N SER E 164 -20.78 -36.31 15.05
CA SER E 164 -20.50 -35.13 15.83
C SER E 164 -21.74 -34.68 16.59
N SER E 165 -21.52 -34.09 17.77
CA SER E 165 -22.64 -33.61 18.57
C SER E 165 -23.40 -32.50 17.85
N LYS E 166 -22.67 -31.57 17.23
CA LYS E 166 -23.28 -30.47 16.49
C LYS E 166 -22.63 -30.37 15.11
N SER E 167 -23.33 -29.72 14.19
CA SER E 167 -22.88 -29.63 12.81
C SER E 167 -21.54 -28.89 12.73
N LEU E 168 -20.59 -29.49 12.03
CA LEU E 168 -19.27 -28.90 11.84
C LEU E 168 -19.20 -28.17 10.50
N LEU E 169 -20.10 -27.20 10.33
CA LEU E 169 -20.14 -26.38 9.13
C LEU E 169 -20.31 -24.92 9.55
N HIS E 170 -19.26 -24.14 9.41
CA HIS E 170 -19.34 -22.72 9.70
C HIS E 170 -20.04 -22.00 8.55
N SER E 171 -20.27 -20.70 8.75
CA SER E 171 -20.95 -19.91 7.73
C SER E 171 -20.11 -19.76 6.48
N ASN E 172 -18.79 -19.69 6.63
CA ASN E 172 -17.92 -19.46 5.48
C ASN E 172 -17.83 -20.68 4.57
N GLY E 173 -18.36 -21.83 4.98
CA GLY E 173 -18.39 -22.99 4.14
C GLY E 173 -17.31 -24.01 4.39
N ASN E 174 -16.47 -23.81 5.39
CA ASN E 174 -15.42 -24.76 5.74
C ASN E 174 -15.94 -25.70 6.81
N THR E 175 -15.90 -27.01 6.51
CA THR E 175 -16.15 -28.02 7.53
C THR E 175 -14.83 -28.37 8.21
N TYR E 176 -14.86 -28.43 9.53
CA TYR E 176 -13.64 -28.65 10.32
C TYR E 176 -13.68 -30.04 10.94
N LEU E 177 -13.22 -31.03 10.17
CA LEU E 177 -13.03 -32.38 10.68
C LEU E 177 -11.67 -32.88 10.22
N TYR E 178 -10.95 -33.52 11.13
CA TYR E 178 -9.62 -34.04 10.85
C TYR E 178 -9.59 -35.52 11.18
N TRP E 179 -8.84 -36.28 10.39
CA TRP E 179 -8.70 -37.72 10.59
C TRP E 179 -7.24 -38.03 10.87
N PHE E 180 -6.98 -38.78 11.94
CA PHE E 180 -5.64 -39.15 12.33
C PHE E 180 -5.51 -40.67 12.39
N LEU E 181 -4.39 -41.18 11.92
CA LEU E 181 -4.09 -42.61 11.92
C LEU E 181 -2.94 -42.87 12.89
N GLN E 182 -3.14 -43.78 13.84
CA GLN E 182 -2.12 -44.20 14.77
C GLN E 182 -1.72 -45.63 14.46
N ARG E 183 -0.46 -45.83 14.08
CA ARG E 183 0.08 -47.15 13.85
C ARG E 183 0.52 -47.77 15.17
N PRO E 184 0.55 -49.09 15.26
CA PRO E 184 0.99 -49.74 16.51
C PRO E 184 2.38 -49.31 16.90
N GLY E 185 2.50 -48.70 18.07
CA GLY E 185 3.78 -48.22 18.55
C GLY E 185 4.39 -47.13 17.68
N GLN E 186 3.56 -46.18 17.24
CA GLN E 186 4.04 -45.10 16.39
C GLN E 186 3.13 -43.89 16.58
N SER E 187 3.72 -42.71 16.45
CA SER E 187 2.96 -41.47 16.61
C SER E 187 1.92 -41.32 15.50
N PRO E 188 0.78 -40.73 15.80
CA PRO E 188 -0.24 -40.53 14.75
C PRO E 188 0.22 -39.53 13.70
N GLN E 189 -0.32 -39.68 12.49
CA GLN E 189 -0.04 -38.77 11.41
C GLN E 189 -1.36 -38.25 10.83
N LEU E 190 -1.34 -36.99 10.40
CA LEU E 190 -2.52 -36.39 9.80
C LEU E 190 -2.83 -37.05 8.46
N LEU E 191 -4.10 -37.34 8.23
CA LEU E 191 -4.55 -37.98 6.99
C LEU E 191 -5.41 -37.04 6.16
N ILE E 192 -6.50 -36.54 6.73
CA ILE E 192 -7.45 -35.66 6.05
C ILE E 192 -7.72 -34.47 6.94
N TYR E 193 -7.58 -33.27 6.38
CA TYR E 193 -7.90 -32.05 7.08
C TYR E 193 -9.08 -31.37 6.39
N ARG E 194 -10.03 -30.89 7.20
CA ARG E 194 -11.27 -30.27 6.75
C ARG E 194 -12.15 -31.24 5.96
N MET E 195 -12.01 -32.53 6.24
CA MET E 195 -12.92 -33.58 5.79
C MET E 195 -12.80 -33.87 4.30
N SER E 196 -12.12 -33.00 3.56
CA SER E 196 -11.96 -33.17 2.12
C SER E 196 -10.51 -33.22 1.70
N ASN E 197 -9.70 -32.27 2.14
CA ASN E 197 -8.33 -32.16 1.65
C ASN E 197 -7.48 -33.30 2.18
N LEU E 198 -6.56 -33.76 1.34
CA LEU E 198 -5.64 -34.83 1.66
C LEU E 198 -4.27 -34.25 1.93
N ALA E 199 -3.70 -34.58 3.09
CA ALA E 199 -2.40 -34.05 3.46
C ALA E 199 -1.30 -34.65 2.58
N SER E 200 -0.14 -33.98 2.59
CA SER E 200 0.96 -34.39 1.74
C SER E 200 1.42 -35.80 2.08
N GLY E 201 1.67 -36.60 1.05
CA GLY E 201 2.16 -37.95 1.21
C GLY E 201 1.11 -38.98 1.54
N VAL E 202 -0.14 -38.58 1.71
CA VAL E 202 -1.22 -39.53 2.00
C VAL E 202 -1.63 -40.20 0.70
N PRO E 203 -1.70 -41.53 0.66
CA PRO E 203 -2.05 -42.23 -0.59
C PRO E 203 -3.43 -41.84 -1.08
N ASP E 204 -3.59 -41.86 -2.41
CA ASP E 204 -4.85 -41.51 -3.04
C ASP E 204 -5.99 -42.47 -2.68
N ARG E 205 -5.66 -43.65 -2.16
CA ARG E 205 -6.68 -44.63 -1.80
C ARG E 205 -7.60 -44.11 -0.69
N PHE E 206 -7.05 -43.35 0.25
CA PHE E 206 -7.88 -42.77 1.30
C PHE E 206 -8.78 -41.69 0.73
N SER E 207 -10.01 -41.63 1.25
CA SER E 207 -10.95 -40.59 0.85
C SER E 207 -11.86 -40.26 2.03
N GLY E 208 -12.36 -39.03 2.04
CA GLY E 208 -13.22 -38.58 3.11
C GLY E 208 -14.39 -37.73 2.63
N SER E 209 -15.60 -38.06 3.07
CA SER E 209 -16.79 -37.33 2.67
C SER E 209 -17.81 -37.35 3.79
N GLY E 210 -18.67 -36.35 3.81
CA GLY E 210 -19.72 -36.31 4.82
C GLY E 210 -20.30 -34.92 4.94
N SER E 211 -21.20 -34.78 5.92
CA SER E 211 -21.83 -33.51 6.22
C SER E 211 -21.89 -33.36 7.74
N GLY E 212 -22.43 -32.24 8.18
CA GLY E 212 -22.51 -31.95 9.60
C GLY E 212 -23.11 -33.07 10.41
N THR E 213 -22.42 -33.48 11.48
CA THR E 213 -22.78 -34.52 12.42
C THR E 213 -22.69 -35.93 11.84
N ALA E 214 -22.20 -36.11 10.62
CA ALA E 214 -22.09 -37.44 10.03
C ALA E 214 -20.99 -37.46 8.99
N PHE E 215 -19.88 -38.13 9.30
CA PHE E 215 -18.71 -38.10 8.43
C PHE E 215 -18.22 -39.52 8.22
N THR E 216 -17.57 -39.76 7.09
CA THR E 216 -17.09 -41.08 6.74
C THR E 216 -15.64 -41.01 6.26
N LEU E 217 -14.97 -42.15 6.37
CA LEU E 217 -13.62 -42.33 5.87
C LEU E 217 -13.59 -43.65 5.10
N THR E 218 -13.23 -43.58 3.82
CA THR E 218 -13.23 -44.74 2.94
C THR E 218 -11.79 -45.08 2.56
N ILE E 219 -11.44 -46.35 2.71
CA ILE E 219 -10.11 -46.86 2.35
C ILE E 219 -10.29 -47.95 1.31
N SER E 220 -9.58 -47.82 0.19
CA SER E 220 -9.67 -48.76 -0.91
C SER E 220 -8.34 -49.47 -1.10
N ARG E 221 -8.42 -50.75 -1.46
CA ARG E 221 -7.25 -51.58 -1.72
C ARG E 221 -6.31 -51.61 -0.51
N LEU E 222 -6.85 -52.06 0.63
CA LEU E 222 -6.06 -52.16 1.84
C LEU E 222 -4.97 -53.22 1.68
N GLU E 223 -3.78 -52.92 2.19
CA GLU E 223 -2.65 -53.83 2.07
C GLU E 223 -1.90 -53.91 3.40
N ALA E 224 -0.71 -54.48 3.38
CA ALA E 224 0.09 -54.59 4.60
C ALA E 224 0.48 -53.21 5.11
N GLU E 225 0.68 -53.12 6.42
CA GLU E 225 1.06 -51.90 7.13
C GLU E 225 0.01 -50.80 7.06
N ASP E 226 -1.23 -51.14 6.70
CA ASP E 226 -2.30 -50.16 6.64
C ASP E 226 -3.16 -50.13 7.89
N VAL E 227 -2.93 -51.05 8.84
CA VAL E 227 -3.78 -51.13 10.02
C VAL E 227 -3.39 -50.06 11.02
N GLY E 228 -4.27 -49.82 11.98
CA GLY E 228 -4.04 -48.81 12.98
C GLY E 228 -5.36 -48.45 13.66
N VAL E 229 -5.36 -47.30 14.33
CA VAL E 229 -6.57 -46.76 14.93
C VAL E 229 -6.80 -45.36 14.37
N TYR E 230 -8.00 -45.11 13.89
CA TYR E 230 -8.36 -43.83 13.28
C TYR E 230 -9.19 -43.01 14.25
N TYR E 231 -8.75 -41.79 14.50
CA TYR E 231 -9.42 -40.85 15.39
C TYR E 231 -9.94 -39.67 14.60
N CYS E 232 -11.16 -39.24 14.91
CA CYS E 232 -11.76 -38.06 14.29
C CYS E 232 -11.74 -36.92 15.29
N MET E 233 -11.23 -35.77 14.84
CA MET E 233 -11.14 -34.57 15.67
C MET E 233 -11.95 -33.45 15.04
N GLN E 234 -12.57 -32.64 15.88
CA GLN E 234 -13.23 -31.42 15.42
C GLN E 234 -12.41 -30.21 15.83
N HIS E 235 -12.30 -29.23 14.93
CA HIS E 235 -11.62 -27.98 15.23
C HIS E 235 -12.57 -26.79 15.17
N LEU E 236 -13.87 -27.05 15.27
CA LEU E 236 -14.84 -25.96 15.18
C LEU E 236 -14.65 -24.95 16.30
N GLU E 237 -14.46 -25.43 17.53
CA GLU E 237 -14.20 -24.53 18.64
C GLU E 237 -13.52 -25.30 19.77
N TYR E 238 -12.83 -24.56 20.62
CA TYR E 238 -12.13 -25.14 21.76
C TYR E 238 -13.12 -25.40 22.89
N PRO E 239 -12.92 -26.48 23.66
CA PRO E 239 -11.78 -27.39 23.55
C PRO E 239 -11.92 -28.46 22.48
N LEU E 240 -10.80 -28.80 21.85
CA LEU E 240 -10.79 -29.83 20.82
C LEU E 240 -11.18 -31.16 21.41
N THR E 241 -11.87 -31.97 20.63
CA THR E 241 -12.36 -33.26 21.09
C THR E 241 -11.97 -34.34 20.10
N PHE E 242 -11.44 -35.45 20.62
CA PHE E 242 -11.07 -36.58 19.79
C PHE E 242 -12.12 -37.68 19.91
N GLY E 243 -12.17 -38.52 18.89
CA GLY E 243 -13.05 -39.66 18.93
C GLY E 243 -12.49 -40.79 19.76
N ALA E 244 -13.35 -41.78 20.03
CA ALA E 244 -12.90 -42.97 20.74
C ALA E 244 -11.87 -43.73 19.93
N GLY E 245 -12.05 -43.79 18.62
CA GLY E 245 -11.12 -44.46 17.75
C GLY E 245 -11.68 -45.78 17.24
N THR E 246 -11.23 -46.17 16.04
CA THR E 246 -11.63 -47.43 15.42
C THR E 246 -10.37 -48.22 15.11
N LYS E 247 -10.27 -49.42 15.68
CA LYS E 247 -9.12 -50.28 15.51
C LYS E 247 -9.35 -51.22 14.33
N LEU E 248 -8.33 -51.38 13.49
CA LEU E 248 -8.38 -52.27 12.34
C LEU E 248 -7.42 -53.43 12.56
N GLU E 249 -7.94 -54.65 12.43
CA GLU E 249 -7.15 -55.87 12.60
C GLU E 249 -7.31 -56.75 11.38
N LEU E 250 -6.30 -57.59 11.14
CA LEU E 250 -6.29 -58.48 9.99
C LEU E 250 -7.39 -59.53 10.10
N PRO F 33 -32.93 46.17 15.21
CA PRO F 33 -31.78 46.51 16.06
C PRO F 33 -30.83 45.33 16.24
N GLU F 34 -30.35 45.13 17.48
CA GLU F 34 -29.42 44.05 17.77
C GLU F 34 -30.12 42.70 17.84
N ALA F 35 -31.36 42.66 18.33
CA ALA F 35 -32.05 41.40 18.52
C ALA F 35 -32.28 40.65 17.22
N VAL F 36 -32.18 41.34 16.09
CA VAL F 36 -32.36 40.68 14.79
C VAL F 36 -31.04 40.33 14.12
N ILE F 37 -29.92 40.78 14.67
CA ILE F 37 -28.63 40.53 14.02
C ILE F 37 -27.78 39.57 14.84
N VAL F 38 -28.05 39.47 16.14
CA VAL F 38 -27.26 38.60 17.00
C VAL F 38 -27.42 37.14 16.59
N PRO F 39 -28.64 36.56 16.59
CA PRO F 39 -28.74 35.15 16.21
C PRO F 39 -28.27 34.89 14.79
N LEU F 40 -28.49 35.85 13.88
CA LEU F 40 -28.00 35.69 12.53
C LEU F 40 -26.48 35.60 12.49
N LEU F 41 -25.80 36.45 13.27
CA LEU F 41 -24.35 36.40 13.32
C LEU F 41 -23.86 35.07 13.88
N PHE F 42 -24.48 34.61 14.97
CA PHE F 42 -24.05 33.35 15.56
C PHE F 42 -24.30 32.19 14.62
N ALA F 43 -25.42 32.19 13.91
CA ALA F 43 -25.70 31.13 12.94
C ALA F 43 -24.72 31.18 11.78
N LEU F 44 -24.35 32.38 11.33
CA LEU F 44 -23.37 32.52 10.26
C LEU F 44 -22.04 31.92 10.67
N ILE F 45 -21.57 32.26 11.87
CA ILE F 45 -20.32 31.72 12.38
C ILE F 45 -20.39 30.20 12.48
N PHE F 46 -21.49 29.70 13.05
CA PHE F 46 -21.69 28.26 13.18
C PHE F 46 -21.59 27.58 11.82
N LEU F 47 -22.28 28.12 10.82
CA LEU F 47 -22.31 27.49 9.50
C LEU F 47 -20.94 27.50 8.86
N VAL F 48 -20.27 28.65 8.84
CA VAL F 48 -18.98 28.71 8.15
C VAL F 48 -17.98 27.78 8.80
N GLY F 49 -17.89 27.79 10.13
CA GLY F 49 -16.94 26.94 10.81
C GLY F 49 -17.25 25.47 10.67
N THR F 50 -18.52 25.10 10.80
CA THR F 50 -18.88 23.69 10.69
C THR F 50 -18.62 23.15 9.29
N VAL F 51 -18.93 23.94 8.26
CA VAL F 51 -18.65 23.50 6.89
C VAL F 51 -17.16 23.33 6.69
N GLY F 52 -16.38 24.34 7.07
CA GLY F 52 -14.93 24.25 6.88
C GLY F 52 -14.33 23.06 7.59
N ASN F 53 -14.82 22.78 8.80
CA ASN F 53 -14.22 21.73 9.60
C ASN F 53 -14.66 20.35 9.16
N THR F 54 -15.91 20.21 8.71
CA THR F 54 -16.30 18.96 8.09
C THR F 54 -15.47 18.69 6.85
N LEU F 55 -15.18 19.73 6.06
CA LEU F 55 -14.28 19.56 4.92
C LEU F 55 -12.91 19.08 5.36
N VAL F 56 -12.30 19.76 6.33
CA VAL F 56 -10.96 19.40 6.76
C VAL F 56 -10.93 17.99 7.34
N LEU F 57 -11.90 17.65 8.16
CA LEU F 57 -11.94 16.32 8.77
C LEU F 57 -12.14 15.23 7.72
N ALA F 58 -13.04 15.45 6.77
CA ALA F 58 -13.24 14.45 5.73
C ALA F 58 -11.97 14.26 4.91
N VAL F 59 -11.30 15.35 4.56
CA VAL F 59 -10.07 15.24 3.77
C VAL F 59 -8.99 14.51 4.55
N LEU F 60 -8.84 14.84 5.84
CA LEU F 60 -7.78 14.24 6.63
C LEU F 60 -8.07 12.80 7.01
N LEU F 61 -9.34 12.40 7.07
CA LEU F 61 -9.68 11.01 7.34
C LEU F 61 -9.58 10.15 6.08
N ARG F 62 -10.28 10.50 5.02
CA ARG F 62 -10.34 9.64 3.83
C ARG F 62 -10.12 10.44 2.56
N GLY F 63 -9.16 11.36 2.61
CA GLY F 63 -8.66 12.02 1.41
C GLY F 63 -7.42 11.38 0.84
N GLY F 64 -7.07 10.18 1.27
CA GLY F 64 -5.86 9.52 0.85
C GLY F 64 -4.65 9.85 1.68
N GLN F 65 -4.76 10.78 2.63
CA GLN F 65 -3.64 11.15 3.48
C GLN F 65 -3.39 10.05 4.51
N ALA F 66 -2.26 9.37 4.38
CA ALA F 66 -1.89 8.35 5.35
C ALA F 66 -1.52 9.01 6.68
N VAL F 67 -1.43 8.18 7.73
CA VAL F 67 -1.11 8.69 9.05
C VAL F 67 0.31 9.24 9.06
N SER F 68 0.46 10.43 9.61
CA SER F 68 1.77 11.07 9.74
C SER F 68 1.66 12.11 10.84
N THR F 69 2.82 12.56 11.32
CA THR F 69 2.82 13.47 12.46
C THR F 69 2.07 14.75 12.16
N THR F 70 2.35 15.38 11.01
CA THR F 70 1.65 16.61 10.66
C THR F 70 0.17 16.38 10.45
N ASN F 71 -0.20 15.27 9.80
CA ASN F 71 -1.61 14.98 9.61
C ASN F 71 -2.31 14.74 10.94
N LEU F 72 -1.66 14.03 11.87
CA LEU F 72 -2.28 13.79 13.16
C LEU F 72 -2.47 15.09 13.92
N PHE F 73 -1.49 15.99 13.88
CA PHE F 73 -1.65 17.24 14.62
C PHE F 73 -2.72 18.14 14.00
N ILE F 74 -2.73 18.25 12.67
CA ILE F 74 -3.77 19.06 12.04
C ILE F 74 -5.15 18.45 12.25
N LEU F 75 -5.24 17.11 12.20
CA LEU F 75 -6.51 16.44 12.45
C LEU F 75 -6.99 16.70 13.86
N ASN F 76 -6.08 16.58 14.84
CA ASN F 76 -6.46 16.86 16.22
C ASN F 76 -6.99 18.27 16.36
N LEU F 77 -6.23 19.26 15.87
CA LEU F 77 -6.71 20.64 15.97
C LEU F 77 -8.09 20.77 15.34
N GLY F 78 -8.21 20.33 14.08
CA GLY F 78 -9.49 20.43 13.39
C GLY F 78 -10.63 19.84 14.20
N VAL F 79 -10.64 18.51 14.34
CA VAL F 79 -11.76 17.87 15.00
C VAL F 79 -11.99 18.49 16.37
N ALA F 80 -11.03 18.35 17.27
CA ALA F 80 -11.27 18.71 18.65
C ALA F 80 -11.64 20.16 18.77
N ASP F 81 -10.67 21.05 18.54
CA ASP F 81 -10.93 22.45 18.82
C ASP F 81 -12.12 22.93 18.03
N LEU F 82 -12.08 22.74 16.73
CA LEU F 82 -12.94 23.55 15.92
C LEU F 82 -14.36 23.00 15.94
N CYS F 83 -14.51 21.68 15.71
CA CYS F 83 -15.84 21.11 15.75
C CYS F 83 -16.47 21.29 17.12
N PHE F 84 -15.71 21.09 18.21
CA PHE F 84 -16.38 21.11 19.50
C PHE F 84 -16.69 22.53 19.95
N ILE F 85 -15.81 23.50 19.69
CA ILE F 85 -16.12 24.87 20.04
C ILE F 85 -17.36 25.35 19.28
N LEU F 86 -17.44 25.07 17.97
CA LEU F 86 -18.62 25.56 17.27
C LEU F 86 -19.86 24.74 17.56
N CYS F 87 -19.71 23.48 17.98
CA CYS F 87 -20.89 22.74 18.42
C CYS F 87 -21.38 23.26 19.77
N CYS F 88 -20.50 23.93 20.52
CA CYS F 88 -20.94 24.53 21.78
C CYS F 88 -21.26 26.02 21.65
N VAL F 89 -21.05 26.61 20.46
CA VAL F 89 -21.52 27.97 20.22
C VAL F 89 -23.03 28.15 20.42
N PRO F 90 -23.91 27.27 19.88
CA PRO F 90 -25.36 27.53 19.96
C PRO F 90 -25.84 27.82 21.36
N PHE F 91 -25.18 27.22 22.36
CA PHE F 91 -25.66 27.35 23.73
C PHE F 91 -25.35 28.72 24.30
N GLN F 92 -24.16 29.25 24.01
CA GLN F 92 -23.90 30.64 24.38
C GLN F 92 -24.77 31.60 23.58
N ALA F 93 -25.11 31.24 22.35
CA ALA F 93 -26.07 32.04 21.59
C ALA F 93 -27.42 32.07 22.31
N THR F 94 -27.87 30.92 22.82
CA THR F 94 -29.12 30.88 23.59
C THR F 94 -28.99 31.68 24.87
N ILE F 95 -27.80 31.69 25.47
CA ILE F 95 -27.57 32.55 26.63
C ILE F 95 -27.83 34.00 26.25
N TYR F 96 -27.36 34.42 25.08
CA TYR F 96 -27.47 35.84 24.74
C TYR F 96 -28.83 36.19 24.14
N THR F 97 -29.61 35.18 23.73
CA THR F 97 -30.85 35.49 23.02
C THR F 97 -32.13 35.01 23.71
N LEU F 98 -32.12 33.84 24.35
CA LEU F 98 -33.34 33.19 24.82
C LEU F 98 -33.81 33.65 26.19
N ASP F 99 -33.10 34.58 26.85
CA ASP F 99 -33.51 35.20 28.10
C ASP F 99 -33.41 34.25 29.30
N GLY F 100 -33.14 32.97 29.09
CA GLY F 100 -33.06 32.03 30.20
C GLY F 100 -32.62 30.64 29.77
N TRP F 101 -31.87 29.95 30.63
CA TRP F 101 -31.38 28.63 30.30
C TRP F 101 -32.55 27.64 30.20
N VAL F 102 -32.49 26.77 29.19
CA VAL F 102 -33.58 25.84 28.93
C VAL F 102 -33.07 24.42 28.72
N PHE F 103 -31.81 24.17 29.05
CA PHE F 103 -31.20 22.88 28.77
C PHE F 103 -31.01 22.00 30.00
N GLY F 104 -31.54 22.40 31.15
CA GLY F 104 -31.44 21.56 32.33
C GLY F 104 -30.17 21.79 33.12
N SER F 105 -29.82 20.80 33.94
CA SER F 105 -28.68 20.89 34.85
C SER F 105 -27.47 20.11 34.37
N LEU F 106 -27.67 18.94 33.77
CA LEU F 106 -26.54 18.18 33.25
C LEU F 106 -25.85 18.94 32.13
N LEU F 107 -26.64 19.57 31.25
CA LEU F 107 -26.05 20.34 30.16
C LEU F 107 -25.36 21.59 30.69
N CYS F 108 -25.94 22.26 31.68
CA CYS F 108 -25.37 23.51 32.18
C CYS F 108 -23.97 23.32 32.74
N LYS F 109 -23.57 22.08 33.03
CA LYS F 109 -22.21 21.77 33.46
C LYS F 109 -21.39 21.12 32.35
N ALA F 110 -21.97 20.12 31.67
CA ALA F 110 -21.23 19.41 30.63
C ALA F 110 -20.84 20.34 29.48
N VAL F 111 -21.71 21.27 29.12
CA VAL F 111 -21.45 22.16 27.99
C VAL F 111 -20.23 23.03 28.27
N HIS F 112 -20.17 23.62 29.46
CA HIS F 112 -19.04 24.49 29.77
C HIS F 112 -17.77 23.69 30.01
N PHE F 113 -17.90 22.48 30.54
CA PHE F 113 -16.76 21.59 30.61
C PHE F 113 -16.20 21.35 29.21
N LEU F 114 -17.06 21.05 28.25
CA LEU F 114 -16.60 20.83 26.88
C LEU F 114 -16.00 22.09 26.27
N ILE F 115 -16.63 23.24 26.51
CA ILE F 115 -16.12 24.49 25.95
C ILE F 115 -14.68 24.72 26.39
N PHE F 116 -14.43 24.63 27.70
CA PHE F 116 -13.08 24.96 28.14
C PHE F 116 -12.10 23.82 27.90
N LEU F 117 -12.57 22.57 27.91
CA LEU F 117 -11.72 21.46 27.50
C LEU F 117 -11.20 21.67 26.09
N THR F 118 -12.08 22.06 25.17
CA THR F 118 -11.65 22.15 23.78
C THR F 118 -10.95 23.47 23.48
N MET F 119 -11.18 24.52 24.26
CA MET F 119 -10.30 25.68 24.17
C MET F 119 -8.87 25.30 24.56
N HIS F 120 -8.72 24.52 25.64
CA HIS F 120 -7.40 24.10 26.05
C HIS F 120 -6.76 23.18 25.01
N ALA F 121 -7.53 22.23 24.47
CA ALA F 121 -7.01 21.36 23.44
C ALA F 121 -6.61 22.15 22.20
N SER F 122 -7.38 23.19 21.87
CA SER F 122 -7.01 24.11 20.80
C SER F 122 -5.63 24.67 21.01
N SER F 123 -5.45 25.36 22.13
CA SER F 123 -4.19 26.07 22.34
C SER F 123 -3.01 25.09 22.39
N PHE F 124 -3.22 23.94 23.03
CA PHE F 124 -2.15 22.96 23.11
C PHE F 124 -1.80 22.38 21.74
N THR F 125 -2.80 22.11 20.91
CA THR F 125 -2.50 21.58 19.59
C THR F 125 -1.84 22.62 18.70
N LEU F 126 -2.18 23.90 18.87
CA LEU F 126 -1.45 24.93 18.14
C LEU F 126 0.02 24.97 18.56
N ALA F 127 0.28 24.89 19.87
CA ALA F 127 1.67 24.84 20.31
C ALA F 127 2.38 23.61 19.78
N ALA F 128 1.70 22.47 19.78
CA ALA F 128 2.30 21.24 19.29
C ALA F 128 2.62 21.32 17.81
N VAL F 129 1.71 21.91 17.02
CA VAL F 129 1.97 22.08 15.60
C VAL F 129 3.16 23.01 15.38
N SER F 130 3.27 24.06 16.19
CA SER F 130 4.42 24.95 16.04
C SER F 130 5.74 24.23 16.31
N LEU F 131 5.80 23.49 17.41
CA LEU F 131 7.03 22.76 17.74
C LEU F 131 7.32 21.67 16.71
N ASP F 132 6.28 21.00 16.23
CA ASP F 132 6.45 19.99 15.19
C ASP F 132 6.98 20.61 13.90
N ARG F 133 6.49 21.80 13.55
CA ARG F 133 7.00 22.49 12.38
C ARG F 133 8.47 22.84 12.54
N TYR F 134 8.85 23.32 13.73
CA TYR F 134 10.26 23.63 13.94
C TYR F 134 11.11 22.38 13.79
N LEU F 135 10.65 21.26 14.33
CA LEU F 135 11.41 20.02 14.21
C LEU F 135 11.53 19.58 12.76
N ALA F 136 10.46 19.70 11.99
CA ALA F 136 10.49 19.22 10.62
C ALA F 136 11.10 20.20 9.65
N ILE F 137 11.38 21.43 10.07
CA ILE F 137 12.08 22.38 9.21
C ILE F 137 13.57 22.44 9.55
N ARG F 138 13.90 22.57 10.83
CA ARG F 138 15.30 22.76 11.22
C ARG F 138 16.09 21.46 11.13
N TYR F 139 15.48 20.33 11.49
CA TYR F 139 16.12 19.02 11.44
C TYR F 139 15.32 18.12 10.50
N PRO F 140 15.44 18.33 9.19
CA PRO F 140 14.63 17.53 8.25
C PRO F 140 14.92 16.05 8.29
N LEU F 141 16.10 15.64 8.76
CA LEU F 141 16.54 14.25 8.67
C LEU F 141 16.53 13.47 9.99
N HIS F 142 16.90 14.12 11.10
CA HIS F 142 16.91 13.41 12.39
C HIS F 142 15.56 13.48 13.09
N SER F 143 14.84 14.60 12.94
CA SER F 143 13.46 14.61 13.40
C SER F 143 12.66 13.49 12.76
N ARG F 144 13.03 13.12 11.54
CA ARG F 144 12.42 11.97 10.87
C ARG F 144 12.50 10.73 11.73
N GLU F 145 13.60 10.57 12.47
CA GLU F 145 13.66 9.54 13.50
C GLU F 145 12.74 9.89 14.66
N LEU F 146 12.79 11.15 15.11
CA LEU F 146 12.01 11.51 16.30
C LEU F 146 10.52 11.57 16.01
N ARG F 147 10.12 12.19 14.90
CA ARG F 147 8.70 12.48 14.65
C ARG F 147 8.02 11.30 13.97
N THR F 148 7.96 10.18 14.68
CA THR F 148 7.16 9.06 14.22
C THR F 148 5.71 9.27 14.61
N PRO F 149 4.77 8.67 13.87
CA PRO F 149 3.36 8.82 14.24
C PRO F 149 3.04 8.33 15.64
N ARG F 150 3.78 7.34 16.16
CA ARG F 150 3.58 6.92 17.54
C ARG F 150 3.83 8.06 18.51
N ASN F 151 4.93 8.79 18.32
CA ASN F 151 5.19 9.94 19.18
C ASN F 151 4.16 11.03 18.99
N ALA F 152 3.60 11.14 17.78
CA ALA F 152 2.52 12.10 17.57
C ALA F 152 1.29 11.73 18.39
N LEU F 153 0.92 10.45 18.40
CA LEU F 153 -0.21 10.02 19.21
C LEU F 153 0.07 10.19 20.70
N ALA F 154 1.30 9.96 21.11
CA ALA F 154 1.67 10.22 22.50
C ALA F 154 1.51 11.70 22.84
N ALA F 155 1.94 12.58 21.94
CA ALA F 155 1.80 14.01 22.21
C ALA F 155 0.34 14.43 22.23
N ILE F 156 -0.49 13.84 21.37
CA ILE F 156 -1.92 14.14 21.38
C ILE F 156 -2.53 13.70 22.70
N GLY F 157 -2.19 12.50 23.16
CA GLY F 157 -2.66 12.05 24.46
C GLY F 157 -2.22 12.97 25.57
N LEU F 158 -0.98 13.46 25.50
CA LEU F 158 -0.49 14.34 26.55
C LEU F 158 -1.22 15.69 26.54
N ILE F 159 -1.45 16.27 25.37
CA ILE F 159 -2.14 17.55 25.34
C ILE F 159 -3.58 17.37 25.80
N TRP F 160 -4.21 16.26 25.47
CA TRP F 160 -5.56 16.00 25.99
C TRP F 160 -5.55 15.82 27.50
N GLY F 161 -4.53 15.15 28.04
CA GLY F 161 -4.46 14.99 29.48
C GLY F 161 -4.31 16.32 30.20
N LEU F 162 -3.41 17.17 29.69
CA LEU F 162 -3.27 18.49 30.28
C LEU F 162 -4.55 19.33 30.14
N SER F 163 -5.23 19.21 29.00
CA SER F 163 -6.47 19.94 28.81
C SER F 163 -7.54 19.49 29.79
N LEU F 164 -7.68 18.19 29.99
CA LEU F 164 -8.69 17.68 30.91
C LEU F 164 -8.32 17.98 32.35
N LEU F 165 -7.03 18.04 32.66
CA LEU F 165 -6.61 18.48 33.98
C LEU F 165 -6.98 19.94 34.21
N PHE F 166 -6.78 20.79 33.19
CA PHE F 166 -7.00 22.22 33.38
C PHE F 166 -8.47 22.60 33.36
N SER F 167 -9.29 21.94 32.54
CA SER F 167 -10.70 22.26 32.46
C SER F 167 -11.54 21.38 33.37
N GLY F 168 -10.93 20.80 34.40
CA GLY F 168 -11.65 19.94 35.32
C GLY F 168 -12.72 20.67 36.09
N PRO F 169 -12.31 21.61 36.95
CA PRO F 169 -13.30 22.25 37.85
C PRO F 169 -14.36 23.04 37.13
N TYR F 170 -14.17 23.34 35.83
CA TYR F 170 -15.26 23.94 35.07
C TYR F 170 -16.48 23.04 34.99
N LEU F 171 -16.32 21.75 35.28
CA LEU F 171 -17.49 20.87 35.36
C LEU F 171 -18.40 21.23 36.51
N SER F 172 -17.88 21.95 37.51
CA SER F 172 -18.71 22.47 38.59
C SER F 172 -18.65 23.98 38.72
N TYR F 173 -17.84 24.66 37.90
CA TYR F 173 -17.76 26.12 37.93
C TYR F 173 -19.09 26.75 37.55
N TYR F 174 -19.79 26.15 36.59
CA TYR F 174 -21.07 26.67 36.11
C TYR F 174 -22.18 25.78 36.65
N GLN F 175 -23.18 26.40 37.29
CA GLN F 175 -24.30 25.67 37.85
C GLN F 175 -25.60 26.37 37.49
N GLN F 176 -26.68 25.60 37.57
CA GLN F 176 -28.03 26.11 37.33
C GLN F 176 -28.60 26.70 38.61
N SER F 177 -29.48 27.68 38.45
CA SER F 177 -30.16 28.27 39.60
C SER F 177 -31.40 29.00 39.12
N GLN F 178 -32.10 29.60 40.07
CA GLN F 178 -33.29 30.38 39.80
C GLN F 178 -33.01 31.84 40.15
N LEU F 179 -32.97 32.70 39.14
CA LEU F 179 -32.76 34.13 39.35
C LEU F 179 -34.06 34.85 39.05
N ALA F 180 -34.48 35.70 39.97
CA ALA F 180 -35.82 36.31 39.94
C ALA F 180 -36.80 35.15 39.86
N ASN F 181 -37.62 35.04 38.82
CA ASN F 181 -38.54 33.92 38.68
C ASN F 181 -38.16 33.01 37.53
N LEU F 182 -36.95 33.14 36.98
CA LEU F 182 -36.59 32.46 35.75
C LEU F 182 -35.31 31.64 35.92
N THR F 183 -35.22 30.58 35.12
CA THR F 183 -34.09 29.64 35.19
C THR F 183 -32.85 30.28 34.58
N VAL F 184 -31.69 29.99 35.16
CA VAL F 184 -30.43 30.59 34.74
C VAL F 184 -29.30 29.57 34.86
N CYS F 185 -28.31 29.69 33.97
CA CYS F 185 -27.08 28.92 34.02
C CYS F 185 -25.92 29.88 34.21
N HIS F 186 -25.29 29.85 35.38
CA HIS F 186 -24.33 30.88 35.77
C HIS F 186 -23.19 30.35 36.62
N PRO F 187 -22.08 31.07 36.72
CA PRO F 187 -21.01 30.65 37.63
C PRO F 187 -21.48 30.63 39.07
N ALA F 188 -21.40 29.45 39.69
CA ALA F 188 -21.70 29.29 41.10
C ALA F 188 -20.37 28.99 41.78
N TRP F 189 -19.66 30.04 42.15
CA TRP F 189 -18.26 29.93 42.55
C TRP F 189 -17.91 31.19 43.32
N SER F 190 -17.30 31.00 44.49
CA SER F 190 -16.92 32.14 45.31
C SER F 190 -15.98 33.07 44.53
N ALA F 191 -16.18 34.36 44.72
CA ALA F 191 -15.44 35.35 43.94
C ALA F 191 -13.93 35.16 43.98
N PRO F 192 -13.29 34.88 45.13
CA PRO F 192 -11.85 34.57 45.09
C PRO F 192 -11.53 33.37 44.23
N ARG F 193 -12.28 32.28 44.41
CA ARG F 193 -12.03 31.05 43.65
C ARG F 193 -12.35 31.23 42.18
N ARG F 194 -13.43 31.97 41.89
CA ARG F 194 -13.78 32.24 40.50
C ARG F 194 -12.68 33.07 39.82
N ARG F 195 -12.16 34.07 40.53
CA ARG F 195 -11.03 34.85 40.03
C ARG F 195 -9.81 33.97 39.82
N ALA F 196 -9.56 33.05 40.76
CA ALA F 196 -8.39 32.18 40.64
C ALA F 196 -8.48 31.32 39.40
N MET F 197 -9.65 30.72 39.14
CA MET F 197 -9.80 29.94 37.92
C MET F 197 -9.70 30.79 36.67
N ASP F 198 -10.27 32.00 36.70
CA ASP F 198 -10.15 32.86 35.53
C ASP F 198 -8.69 33.15 35.21
N ILE F 199 -7.93 33.54 36.24
CA ILE F 199 -6.51 33.84 36.04
C ILE F 199 -5.76 32.60 35.56
N CYS F 200 -6.06 31.45 36.15
CA CYS F 200 -5.32 30.23 35.79
C CYS F 200 -5.61 29.81 34.36
N THR F 201 -6.88 29.78 33.96
CA THR F 201 -7.19 29.38 32.60
C THR F 201 -6.63 30.38 31.60
N PHE F 202 -6.67 31.68 31.91
CA PHE F 202 -6.05 32.63 31.01
C PHE F 202 -4.56 32.36 30.88
N VAL F 203 -3.83 32.35 32.00
CA VAL F 203 -2.38 32.24 31.90
C VAL F 203 -2.01 30.98 31.16
N PHE F 204 -2.55 29.83 31.57
CA PHE F 204 -2.17 28.61 30.87
C PHE F 204 -2.61 28.67 29.41
N SER F 205 -3.92 28.63 29.16
CA SER F 205 -4.41 28.38 27.81
C SER F 205 -3.96 29.45 26.82
N TYR F 206 -3.92 30.71 27.22
CA TYR F 206 -3.46 31.72 26.29
C TYR F 206 -1.94 31.89 26.37
N LEU F 207 -1.43 32.29 27.53
CA LEU F 207 -0.04 32.73 27.60
C LEU F 207 0.93 31.62 27.22
N LEU F 208 0.74 30.40 27.76
CA LEU F 208 1.75 29.37 27.47
C LEU F 208 1.78 28.99 26.00
N PRO F 209 0.67 28.62 25.34
CA PRO F 209 0.75 28.36 23.90
C PRO F 209 1.12 29.57 23.06
N VAL F 210 0.66 30.78 23.39
CA VAL F 210 1.11 31.93 22.62
C VAL F 210 2.60 32.13 22.77
N LEU F 211 3.13 31.94 23.98
CA LEU F 211 4.56 31.99 24.16
C LEU F 211 5.27 30.96 23.29
N VAL F 212 4.73 29.75 23.25
CA VAL F 212 5.38 28.67 22.51
C VAL F 212 5.38 28.97 21.01
N LEU F 213 4.23 29.34 20.46
CA LEU F 213 4.19 29.69 19.04
C LEU F 213 5.10 30.87 18.73
N GLY F 214 5.05 31.92 19.54
CA GLY F 214 5.89 33.07 19.27
C GLY F 214 7.35 32.71 19.24
N LEU F 215 7.85 32.04 20.28
CA LEU F 215 9.26 31.68 20.32
C LEU F 215 9.62 30.74 19.18
N THR F 216 8.82 29.70 18.97
CA THR F 216 9.20 28.67 18.02
C THR F 216 9.15 29.20 16.59
N TYR F 217 8.10 29.93 16.22
CA TYR F 217 8.07 30.50 14.89
C TYR F 217 9.10 31.61 14.71
N ALA F 218 9.45 32.33 15.78
CA ALA F 218 10.55 33.29 15.65
C ALA F 218 11.85 32.59 15.30
N ARG F 219 12.14 31.49 16.00
CA ARG F 219 13.36 30.74 15.71
C ARG F 219 13.32 30.11 14.33
N THR F 220 12.14 29.61 13.92
CA THR F 220 12.02 29.00 12.59
C THR F 220 12.21 30.03 11.48
N LEU F 221 11.59 31.20 11.61
CA LEU F 221 11.78 32.26 10.62
C LEU F 221 13.23 32.73 10.61
N ARG F 222 13.86 32.78 11.78
CA ARG F 222 15.28 33.14 11.83
C ARG F 222 16.13 32.12 11.08
N TYR F 223 15.86 30.83 11.25
CA TYR F 223 16.67 29.81 10.62
C TYR F 223 16.42 29.76 9.11
N LEU F 224 15.17 29.94 8.69
CA LEU F 224 14.86 29.86 7.26
C LEU F 224 15.58 30.93 6.46
N TRP F 225 15.73 32.13 7.04
CA TRP F 225 16.39 33.24 6.39
C TRP F 225 17.90 33.25 6.58
N ARG F 226 18.47 32.11 6.95
CA ARG F 226 19.92 31.98 7.09
C ARG F 226 20.33 30.52 7.05
N GLY F 234 17.96 31.69 -5.87
CA GLY F 234 17.01 31.49 -6.94
C GLY F 234 15.68 32.17 -6.70
N SER F 235 15.00 32.54 -7.79
CA SER F 235 13.70 33.18 -7.66
C SER F 235 12.68 32.26 -7.01
N GLY F 236 12.68 30.98 -7.40
CA GLY F 236 11.75 30.04 -6.80
C GLY F 236 11.97 29.85 -5.32
N ALA F 237 13.23 29.78 -4.89
CA ALA F 237 13.54 29.66 -3.47
C ALA F 237 13.06 30.88 -2.71
N ARG F 238 13.29 32.08 -3.27
CA ARG F 238 12.82 33.29 -2.62
C ARG F 238 11.30 33.32 -2.52
N ARG F 239 10.61 32.89 -3.58
CA ARG F 239 9.15 32.87 -3.53
C ARG F 239 8.64 31.87 -2.49
N ALA F 240 9.24 30.69 -2.42
CA ALA F 240 8.82 29.70 -1.44
C ALA F 240 9.06 30.20 -0.01
N LYS F 241 10.21 30.82 0.23
CA LYS F 241 10.48 31.36 1.56
C LYS F 241 9.52 32.48 1.90
N ARG F 242 9.18 33.32 0.92
CA ARG F 242 8.21 34.38 1.15
C ARG F 242 6.84 33.80 1.51
N LYS F 243 6.41 32.76 0.80
CA LYS F 243 5.13 32.14 1.09
C LYS F 243 5.11 31.54 2.49
N VAL F 244 6.20 30.86 2.88
CA VAL F 244 6.26 30.26 4.20
C VAL F 244 6.23 31.35 5.28
N THR F 245 6.98 32.42 5.07
CA THR F 245 6.99 33.50 6.05
C THR F 245 5.61 34.11 6.20
N ARG F 246 4.92 34.34 5.08
CA ARG F 246 3.58 34.91 5.15
C ARG F 246 2.63 34.00 5.90
N MET F 247 2.66 32.70 5.60
CA MET F 247 1.75 31.78 6.28
C MET F 247 2.04 31.67 7.76
N ILE F 248 3.30 31.63 8.15
CA ILE F 248 3.64 31.56 9.57
C ILE F 248 3.19 32.81 10.30
N LEU F 249 3.42 33.98 9.69
CA LEU F 249 2.97 35.22 10.30
C LEU F 249 1.46 35.24 10.46
N ILE F 250 0.73 34.76 9.45
CA ILE F 250 -0.73 34.75 9.52
C ILE F 250 -1.20 33.86 10.66
N VAL F 251 -0.61 32.68 10.79
CA VAL F 251 -1.00 31.77 11.87
C VAL F 251 -0.76 32.40 13.24
N ALA F 252 0.43 32.94 13.46
CA ALA F 252 0.73 33.52 14.77
C ALA F 252 -0.18 34.70 15.07
N ALA F 253 -0.42 35.57 14.08
CA ALA F 253 -1.29 36.71 14.30
C ALA F 253 -2.71 36.26 14.61
N LEU F 254 -3.20 35.21 13.95
CA LEU F 254 -4.52 34.69 14.26
C LEU F 254 -4.59 34.24 15.71
N PHE F 255 -3.68 33.35 16.11
CA PHE F 255 -3.82 32.78 17.45
C PHE F 255 -3.66 33.84 18.53
N CYS F 256 -2.91 34.92 18.25
CA CYS F 256 -2.86 35.99 19.23
C CYS F 256 -4.16 36.80 19.23
N LEU F 257 -4.48 37.42 18.09
CA LEU F 257 -5.50 38.45 18.04
C LEU F 257 -6.90 37.90 18.27
N CYS F 258 -7.16 36.65 17.88
CA CYS F 258 -8.54 36.16 17.96
C CYS F 258 -8.94 35.86 19.40
N TRP F 259 -8.07 35.23 20.18
CA TRP F 259 -8.40 34.96 21.57
C TRP F 259 -8.01 36.07 22.51
N MET F 260 -7.30 37.10 22.05
CA MET F 260 -6.95 38.19 22.97
C MET F 260 -8.17 38.90 23.56
N PRO F 261 -9.18 39.32 22.79
CA PRO F 261 -10.24 40.16 23.38
C PRO F 261 -11.03 39.49 24.50
N HIS F 262 -11.30 38.19 24.40
CA HIS F 262 -12.08 37.51 25.43
C HIS F 262 -11.36 37.54 26.78
N HIS F 263 -10.12 37.09 26.80
CA HIS F 263 -9.36 37.07 28.05
C HIS F 263 -9.11 38.50 28.54
N ALA F 264 -8.91 39.44 27.62
CA ALA F 264 -8.73 40.83 28.02
C ALA F 264 -9.99 41.36 28.71
N LEU F 265 -11.16 41.02 28.18
CA LEU F 265 -12.40 41.49 28.79
C LEU F 265 -12.62 40.85 30.15
N ILE F 266 -12.31 39.56 30.29
CA ILE F 266 -12.45 38.92 31.59
C ILE F 266 -11.51 39.56 32.61
N LEU F 267 -10.27 39.84 32.21
CA LEU F 267 -9.36 40.54 33.10
C LEU F 267 -9.87 41.93 33.44
N CYS F 268 -10.50 42.60 32.48
CA CYS F 268 -11.11 43.90 32.78
C CYS F 268 -12.22 43.75 33.82
N VAL F 269 -13.01 42.69 33.71
CA VAL F 269 -14.05 42.43 34.70
C VAL F 269 -13.44 42.25 36.08
N TRP F 270 -12.36 41.48 36.18
CA TRP F 270 -11.83 41.18 37.50
C TRP F 270 -10.89 42.24 38.06
N PHE F 271 -10.38 43.16 37.25
CA PHE F 271 -9.31 44.02 37.71
C PHE F 271 -9.54 45.47 37.30
N GLY F 272 -10.79 45.87 37.14
CA GLY F 272 -11.08 47.26 36.81
C GLY F 272 -12.56 47.53 36.90
N GLN F 273 -12.89 48.81 36.82
CA GLN F 273 -14.29 49.25 36.87
C GLN F 273 -14.89 48.97 35.50
N PHE F 274 -15.57 47.83 35.36
CA PHE F 274 -16.21 47.48 34.10
C PHE F 274 -17.68 47.86 34.17
N PRO F 275 -18.12 48.89 33.46
CA PRO F 275 -19.52 49.30 33.54
C PRO F 275 -20.40 48.39 32.68
N LEU F 276 -21.70 48.58 32.83
CA LEU F 276 -22.69 47.83 32.07
C LEU F 276 -23.40 48.80 31.14
N THR F 277 -23.21 48.62 29.83
CA THR F 277 -23.66 49.59 28.85
C THR F 277 -23.93 48.84 27.55
N ARG F 278 -24.74 49.46 26.67
CA ARG F 278 -24.93 48.89 25.35
C ARG F 278 -23.60 48.77 24.61
N ALA F 279 -22.66 49.68 24.89
CA ALA F 279 -21.32 49.54 24.35
C ALA F 279 -20.65 48.25 24.83
N THR F 280 -20.77 47.96 26.12
CA THR F 280 -20.19 46.72 26.63
C THR F 280 -20.91 45.51 26.09
N TYR F 281 -22.20 45.62 25.81
CA TYR F 281 -22.92 44.50 25.18
C TYR F 281 -22.38 44.24 23.78
N ALA F 282 -22.16 45.31 23.01
CA ALA F 282 -21.53 45.14 21.70
C ALA F 282 -20.14 44.55 21.82
N LEU F 283 -19.36 44.99 22.81
CA LEU F 283 -18.03 44.45 23.02
C LEU F 283 -18.08 42.97 23.38
N ARG F 284 -19.05 42.57 24.20
CA ARG F 284 -19.19 41.16 24.55
C ARG F 284 -19.52 40.32 23.32
N ILE F 285 -20.46 40.79 22.51
CA ILE F 285 -20.77 40.07 21.28
C ILE F 285 -19.55 39.98 20.39
N LEU F 286 -18.79 41.08 20.28
CA LEU F 286 -17.60 41.08 19.42
C LEU F 286 -16.55 40.12 19.93
N SER F 287 -16.32 40.08 21.24
CA SER F 287 -15.33 39.18 21.79
C SER F 287 -15.71 37.72 21.55
N HIS F 288 -16.99 37.40 21.79
CA HIS F 288 -17.43 36.03 21.51
C HIS F 288 -17.30 35.71 20.03
N LEU F 289 -17.62 36.67 19.17
CA LEU F 289 -17.56 36.42 17.74
C LEU F 289 -16.13 36.17 17.26
N VAL F 290 -15.17 36.96 17.76
CA VAL F 290 -13.79 36.73 17.33
C VAL F 290 -13.22 35.46 17.94
N SER F 291 -13.64 35.12 19.17
CA SER F 291 -13.22 33.85 19.75
C SER F 291 -13.69 32.69 18.90
N TYR F 292 -14.92 32.75 18.40
CA TYR F 292 -15.37 31.72 17.47
C TYR F 292 -14.70 31.84 16.12
N ALA F 293 -14.29 33.06 15.74
CA ALA F 293 -13.70 33.25 14.42
C ALA F 293 -12.31 32.62 14.33
N ASN F 294 -11.56 32.61 15.43
CA ASN F 294 -10.32 31.84 15.45
C ASN F 294 -10.56 30.42 14.99
N SER F 295 -11.55 29.76 15.58
CA SER F 295 -11.80 28.38 15.27
C SER F 295 -12.47 28.21 13.92
N CYS F 296 -13.12 29.27 13.41
CA CYS F 296 -13.67 29.22 12.07
C CYS F 296 -12.57 29.26 11.02
N VAL F 297 -11.56 30.10 11.22
CA VAL F 297 -10.53 30.30 10.21
C VAL F 297 -9.32 29.40 10.38
N ASN F 298 -9.20 28.68 11.49
CA ASN F 298 -8.12 27.70 11.61
C ASN F 298 -8.16 26.64 10.53
N PRO F 299 -9.29 26.00 10.22
CA PRO F 299 -9.28 25.02 9.12
C PRO F 299 -8.88 25.62 7.79
N ILE F 300 -9.28 26.87 7.53
CA ILE F 300 -8.90 27.53 6.30
C ILE F 300 -7.40 27.77 6.26
N VAL F 301 -6.86 28.33 7.35
CA VAL F 301 -5.47 28.78 7.33
C VAL F 301 -4.51 27.60 7.35
N TYR F 302 -4.78 26.60 8.20
CA TYR F 302 -3.82 25.50 8.32
C TYR F 302 -3.86 24.58 7.10
N ALA F 303 -5.06 24.29 6.60
CA ALA F 303 -5.17 23.26 5.59
C ALA F 303 -5.75 23.74 4.26
N LEU F 304 -6.89 24.40 4.26
CA LEU F 304 -7.66 24.54 3.03
C LEU F 304 -7.06 25.52 2.02
N VAL F 305 -6.04 26.29 2.40
CA VAL F 305 -5.43 27.22 1.45
C VAL F 305 -4.20 26.66 0.76
N SER F 306 -3.87 25.38 0.97
CA SER F 306 -2.77 24.76 0.28
C SER F 306 -3.29 23.88 -0.84
N LYS F 307 -2.59 23.90 -1.97
CA LYS F 307 -3.03 23.12 -3.12
C LYS F 307 -2.99 21.63 -2.86
N HIS F 308 -2.12 21.18 -1.96
CA HIS F 308 -2.06 19.75 -1.63
C HIS F 308 -3.34 19.30 -0.94
N PHE F 309 -3.76 20.04 0.09
CA PHE F 309 -5.01 19.71 0.77
C PHE F 309 -6.19 19.83 -0.18
N ARG F 310 -6.19 20.86 -1.04
CA ARG F 310 -7.24 21.00 -2.03
C ARG F 310 -7.28 19.81 -2.98
N LYS F 311 -6.11 19.28 -3.35
CA LYS F 311 -6.10 18.09 -4.21
C LYS F 311 -6.70 16.89 -3.50
N GLY F 312 -6.39 16.73 -2.22
CA GLY F 312 -7.06 15.70 -1.44
C GLY F 312 -8.58 15.88 -1.44
N PHE F 313 -9.02 17.12 -1.30
CA PHE F 313 -10.45 17.42 -1.29
C PHE F 313 -11.09 17.11 -2.64
N ARG F 314 -10.38 17.42 -3.74
CA ARG F 314 -10.89 17.06 -5.06
C ARG F 314 -10.99 15.55 -5.20
N THR F 315 -10.04 14.82 -4.64
CA THR F 315 -10.09 13.36 -4.71
C THR F 315 -11.30 12.82 -3.95
N ILE F 316 -11.57 13.35 -2.75
CA ILE F 316 -12.70 12.82 -1.98
C ILE F 316 -14.03 13.14 -2.65
N CYS F 317 -14.11 14.25 -3.37
CA CYS F 317 -15.33 14.61 -4.09
C CYS F 317 -15.62 13.63 -5.21
#